data_6WU1
#
_entry.id   6WU1
#
_cell.length_a   1.00
_cell.length_b   1.00
_cell.length_c   1.00
_cell.angle_alpha   90.00
_cell.angle_beta   90.00
_cell.angle_gamma   90.00
#
_symmetry.space_group_name_H-M   'P 1'
#
loop_
_entity.id
_entity.type
_entity.pdbx_description
1 polymer 'DASS family sodium-coupled anion symporter'
2 non-polymer HEXANE
3 non-polymer DECANE
4 non-polymer N-OCTANE
#
_entity_poly.entity_id   1
_entity_poly.type   'polypeptide(L)'
_entity_poly.pdbx_seq_one_letter_code
;MHHHHHHHHHHSSGVDLGTENLYFQSNAMKTLEKVNYKGFIWPLAVGIVLWLITPWRPGGLSVQAWEMFAIFVATIVGCI
TKPLPIGGTTLLGMVVTVLVGLAPVKDVVNSKGVVIQTGILSSFGNSAAWLIAMAFIMAHGISKTGLGNRVAYVMIEKFG
KRSIGIGYAITGLELMMGALIPSNSARTGGVTWPVVESISKSYDSKPNDPSRKKIGAYLDFMAFHANILSTALFITGAAP
NLVAQQMAAQKGYQMSWVSWFWAALVPVLVATVIIPLVIYKMYPPEVKETPNAKNWADDKLKEMGPISKPEKIMATVFCL
AILLWVLSGFFKIPQLDSAFVAFLAVTLLLITGVLSMEDALHETGAWNILIWLSILIFMAGKLISYGFIAWFAKFIQSEV
HGINWGLVLVVLILLMFYTHYFFASGTAHMTALYLPFLTVATAMGAPLGLSAMLLAFTGVINASTTHYANGPASILATTG
YVKQSEWWKMNFILGLIYMVIFGIVGTIWMKIIGIW
;
_entity_poly.pdbx_strand_id   A,B
#
loop_
_chem_comp.id
_chem_comp.type
_chem_comp.name
_chem_comp.formula
D10 non-polymer DECANE 'C10 H22'
HEX non-polymer HEXANE 'C6 H14'
OCT non-polymer N-OCTANE 'C8 H18'
#
# COMPACT_ATOMS: atom_id res chain seq x y z
N ALA A 28 26.05 -14.70 -4.98
CA ALA A 28 26.35 -16.15 -5.14
C ALA A 28 25.43 -17.12 -4.40
N MET A 29 24.22 -17.30 -4.91
CA MET A 29 23.23 -18.16 -4.29
C MET A 29 23.31 -19.55 -4.90
N LYS A 30 23.49 -20.56 -4.05
CA LYS A 30 23.63 -21.93 -4.52
C LYS A 30 22.35 -22.74 -4.34
N THR A 31 21.84 -22.81 -3.12
CA THR A 31 20.69 -23.64 -2.79
C THR A 31 19.46 -22.78 -2.53
N LEU A 32 18.31 -23.27 -2.95
CA LEU A 32 17.06 -22.57 -2.72
C LEU A 32 16.80 -22.43 -1.22
N GLU A 33 15.80 -21.62 -0.89
CA GLU A 33 15.42 -21.43 0.49
C GLU A 33 14.52 -22.59 0.95
N LYS A 34 14.44 -22.76 2.27
CA LYS A 34 13.64 -23.82 2.86
C LYS A 34 12.17 -23.39 2.88
N VAL A 35 11.32 -24.18 2.25
CA VAL A 35 9.88 -23.92 2.20
C VAL A 35 9.15 -25.12 2.79
N ASN A 36 8.10 -24.84 3.56
CA ASN A 36 7.33 -25.88 4.22
C ASN A 36 6.25 -26.36 3.24
N TYR A 37 6.59 -27.37 2.45
CA TYR A 37 5.64 -27.88 1.47
C TYR A 37 4.55 -28.72 2.12
N LYS A 38 4.85 -29.37 3.25
CA LYS A 38 3.84 -30.18 3.92
C LYS A 38 2.65 -29.33 4.34
N GLY A 39 2.90 -28.10 4.77
CA GLY A 39 1.84 -27.20 5.16
C GLY A 39 0.88 -26.83 4.06
N PHE A 40 1.17 -27.22 2.83
CA PHE A 40 0.23 -27.01 1.73
C PHE A 40 -0.83 -28.08 1.65
N ILE A 41 -0.69 -29.17 2.39
CA ILE A 41 -1.61 -30.29 2.25
C ILE A 41 -2.98 -29.91 2.78
N TRP A 42 -3.07 -29.55 4.07
CA TRP A 42 -4.38 -29.28 4.65
C TRP A 42 -5.10 -28.14 3.93
N PRO A 43 -4.47 -27.01 3.65
CA PRO A 43 -5.17 -25.97 2.89
C PRO A 43 -5.71 -26.48 1.57
N LEU A 44 -4.80 -26.94 0.70
CA LEU A 44 -5.21 -27.46 -0.60
C LEU A 44 -6.37 -28.41 -0.45
N ALA A 45 -6.15 -29.53 0.23
CA ALA A 45 -7.20 -30.51 0.43
C ALA A 45 -8.51 -29.84 0.80
N VAL A 46 -8.50 -29.03 1.87
CA VAL A 46 -9.73 -28.40 2.32
C VAL A 46 -10.42 -27.71 1.15
N GLY A 47 -9.71 -26.76 0.53
CA GLY A 47 -10.22 -26.06 -0.61
C GLY A 47 -10.84 -27.01 -1.60
N ILE A 48 -10.01 -27.93 -2.09
CA ILE A 48 -10.46 -28.87 -3.11
C ILE A 48 -11.79 -29.49 -2.70
N VAL A 49 -11.87 -30.00 -1.48
CA VAL A 49 -13.07 -30.71 -1.06
C VAL A 49 -14.26 -29.78 -1.14
N LEU A 50 -14.16 -28.60 -0.54
CA LEU A 50 -15.28 -27.67 -0.59
C LEU A 50 -15.66 -27.36 -2.03
N TRP A 51 -14.66 -27.24 -2.90
CA TRP A 51 -14.93 -26.96 -4.31
C TRP A 51 -15.77 -28.07 -4.91
N LEU A 52 -15.36 -29.32 -4.70
CA LEU A 52 -16.13 -30.45 -5.22
C LEU A 52 -17.49 -30.54 -4.54
N ILE A 53 -17.62 -29.93 -3.37
CA ILE A 53 -18.89 -29.92 -2.66
C ILE A 53 -19.81 -28.84 -3.24
N THR A 54 -19.25 -27.89 -3.97
CA THR A 54 -19.99 -26.74 -4.47
C THR A 54 -21.39 -27.08 -4.99
N PRO A 55 -21.56 -28.05 -5.90
CA PRO A 55 -22.90 -28.36 -6.40
C PRO A 55 -23.89 -28.73 -5.31
N TRP A 56 -23.41 -29.31 -4.20
CA TRP A 56 -24.24 -29.67 -3.07
C TRP A 56 -24.21 -28.59 -1.99
N ARG A 57 -24.04 -27.34 -2.41
CA ARG A 57 -23.97 -26.23 -1.48
C ARG A 57 -25.27 -26.13 -0.68
N PRO A 58 -25.26 -25.38 0.43
CA PRO A 58 -26.39 -25.40 1.35
C PRO A 58 -27.72 -24.96 0.75
N GLY A 59 -27.71 -24.41 -0.45
CA GLY A 59 -28.94 -23.97 -1.07
C GLY A 59 -29.22 -22.50 -0.79
N GLY A 60 -29.91 -21.83 -1.71
CA GLY A 60 -30.07 -20.40 -1.63
C GLY A 60 -28.77 -19.62 -1.71
N LEU A 61 -27.67 -20.27 -2.02
CA LEU A 61 -26.35 -19.67 -2.06
C LEU A 61 -25.79 -19.69 -3.48
N SER A 62 -24.87 -18.77 -3.74
CA SER A 62 -24.28 -18.61 -5.06
C SER A 62 -22.95 -19.36 -5.16
N VAL A 63 -22.66 -19.83 -6.37
CA VAL A 63 -21.44 -20.59 -6.61
C VAL A 63 -20.22 -19.77 -6.23
N GLN A 64 -20.16 -18.53 -6.69
CA GLN A 64 -19.03 -17.68 -6.37
C GLN A 64 -18.86 -17.52 -4.86
N ALA A 65 -19.98 -17.48 -4.13
CA ALA A 65 -19.91 -17.34 -2.69
C ALA A 65 -19.23 -18.53 -2.05
N TRP A 66 -19.67 -19.74 -2.42
CA TRP A 66 -19.06 -20.94 -1.85
C TRP A 66 -17.60 -21.07 -2.25
N GLU A 67 -17.26 -20.69 -3.49
CA GLU A 67 -15.86 -20.75 -3.90
C GLU A 67 -15.00 -19.78 -3.08
N MET A 68 -15.50 -18.56 -2.87
CA MET A 68 -14.78 -17.61 -2.06
C MET A 68 -14.65 -18.11 -0.63
N PHE A 69 -15.69 -18.74 -0.11
CA PHE A 69 -15.63 -19.33 1.22
C PHE A 69 -14.53 -20.37 1.30
N ALA A 70 -14.47 -21.26 0.31
CA ALA A 70 -13.45 -22.30 0.30
C ALA A 70 -12.06 -21.70 0.26
N ILE A 71 -11.85 -20.72 -0.62
CA ILE A 71 -10.53 -20.12 -0.74
C ILE A 71 -10.14 -19.41 0.56
N PHE A 72 -11.09 -18.71 1.18
CA PHE A 72 -10.82 -18.04 2.44
C PHE A 72 -10.43 -19.05 3.52
N VAL A 73 -11.19 -20.14 3.63
CA VAL A 73 -10.91 -21.14 4.65
C VAL A 73 -9.54 -21.76 4.43
N ALA A 74 -9.20 -22.04 3.17
CA ALA A 74 -7.89 -22.61 2.88
C ALA A 74 -6.78 -21.61 3.20
N THR A 75 -7.01 -20.33 2.93
CA THR A 75 -6.02 -19.32 3.28
C THR A 75 -5.80 -19.25 4.78
N ILE A 76 -6.88 -19.40 5.56
CA ILE A 76 -6.73 -19.39 7.01
C ILE A 76 -5.99 -20.63 7.49
N VAL A 77 -6.34 -21.80 6.95
CA VAL A 77 -5.62 -23.00 7.31
C VAL A 77 -4.15 -22.87 6.96
N GLY A 78 -3.84 -22.11 5.91
CA GLY A 78 -2.44 -21.86 5.57
C GLY A 78 -1.77 -20.94 6.57
N CYS A 79 -2.44 -19.84 6.92
CA CYS A 79 -1.95 -18.99 8.00
C CYS A 79 -1.68 -19.79 9.26
N ILE A 80 -2.40 -20.91 9.43
CA ILE A 80 -2.16 -21.79 10.56
C ILE A 80 -0.91 -22.63 10.35
N THR A 81 -0.90 -23.45 9.30
CA THR A 81 0.21 -24.36 9.05
C THR A 81 1.49 -23.65 8.63
N LYS A 82 1.41 -22.40 8.23
CA LYS A 82 2.57 -21.54 8.02
C LYS A 82 3.50 -22.03 6.92
N PRO A 83 2.99 -22.32 5.73
CA PRO A 83 3.85 -22.34 4.55
C PRO A 83 3.87 -20.98 3.91
N LEU A 84 5.04 -20.45 3.55
CA LEU A 84 5.06 -19.10 2.99
C LEU A 84 4.45 -18.16 4.01
N PRO A 85 5.21 -17.75 5.03
CA PRO A 85 4.61 -17.02 6.17
C PRO A 85 3.57 -16.00 5.77
N ILE A 86 2.70 -15.68 6.72
CA ILE A 86 1.35 -15.21 6.46
C ILE A 86 1.28 -14.26 5.26
N GLY A 87 2.32 -13.44 5.08
CA GLY A 87 2.35 -12.60 3.90
C GLY A 87 2.33 -13.41 2.61
N GLY A 88 3.16 -14.44 2.55
CA GLY A 88 3.24 -15.24 1.34
C GLY A 88 1.97 -16.00 1.04
N THR A 89 1.40 -16.65 2.05
CA THR A 89 0.19 -17.42 1.83
C THR A 89 -1.00 -16.53 1.55
N THR A 90 -1.02 -15.31 2.12
CA THR A 90 -2.08 -14.37 1.76
C THR A 90 -1.94 -13.90 0.32
N LEU A 91 -0.72 -13.59 -0.10
CA LEU A 91 -0.51 -13.26 -1.52
C LEU A 91 -0.96 -14.41 -2.41
N LEU A 92 -0.65 -15.64 -2.01
CA LEU A 92 -1.02 -16.80 -2.82
C LEU A 92 -2.54 -16.97 -2.88
N GLY A 93 -3.22 -16.74 -1.74
CA GLY A 93 -4.66 -16.83 -1.74
C GLY A 93 -5.29 -15.75 -2.60
N MET A 94 -4.72 -14.55 -2.58
CA MET A 94 -5.21 -13.48 -3.44
C MET A 94 -5.01 -13.82 -4.91
N VAL A 95 -3.85 -14.37 -5.25
CA VAL A 95 -3.58 -14.80 -6.62
C VAL A 95 -4.61 -15.83 -7.06
N VAL A 96 -4.85 -16.85 -6.23
CA VAL A 96 -5.84 -17.86 -6.59
C VAL A 96 -7.22 -17.24 -6.68
N THR A 97 -7.51 -16.24 -5.85
CA THR A 97 -8.80 -15.55 -5.92
C THR A 97 -8.97 -14.89 -7.28
N VAL A 98 -7.89 -14.32 -7.81
CA VAL A 98 -7.98 -13.63 -9.09
C VAL A 98 -7.97 -14.62 -10.25
N LEU A 99 -7.40 -15.80 -10.04
CA LEU A 99 -7.23 -16.73 -11.15
C LEU A 99 -8.53 -17.44 -11.49
N VAL A 100 -9.28 -17.86 -10.47
CA VAL A 100 -10.49 -18.66 -10.69
C VAL A 100 -11.70 -17.76 -10.90
N GLY A 101 -11.47 -16.45 -11.01
CA GLY A 101 -12.51 -15.54 -11.40
C GLY A 101 -13.47 -15.14 -10.30
N LEU A 102 -12.95 -14.82 -9.12
CA LEU A 102 -13.75 -14.34 -8.02
C LEU A 102 -13.51 -12.87 -7.72
N ALA A 103 -12.45 -12.28 -8.27
CA ALA A 103 -12.10 -10.91 -7.99
C ALA A 103 -11.34 -10.33 -9.17
N PRO A 104 -11.60 -9.09 -9.56
CA PRO A 104 -10.76 -8.43 -10.56
C PRO A 104 -9.54 -7.83 -9.89
N VAL A 105 -8.70 -7.20 -10.72
CA VAL A 105 -7.52 -6.51 -10.23
C VAL A 105 -7.83 -5.03 -10.12
N LYS A 106 -8.65 -4.52 -11.04
CA LYS A 106 -9.09 -3.14 -11.03
C LYS A 106 -10.59 -3.08 -10.78
N ASP A 107 -11.01 -2.08 -10.02
CA ASP A 107 -12.42 -1.96 -9.67
C ASP A 107 -13.28 -1.84 -10.92
N VAL A 108 -14.35 -2.63 -10.96
CA VAL A 108 -15.30 -2.62 -12.06
C VAL A 108 -16.45 -1.69 -11.70
N VAL A 109 -16.73 -0.73 -12.56
CA VAL A 109 -17.73 0.29 -12.31
C VAL A 109 -18.96 0.02 -13.15
N ASN A 110 -20.09 0.56 -12.72
CA ASN A 110 -21.39 0.31 -13.33
C ASN A 110 -21.72 1.31 -14.43
N SER A 111 -20.78 2.15 -14.84
CA SER A 111 -20.96 3.23 -15.79
C SER A 111 -21.68 4.42 -15.17
N LYS A 112 -22.16 4.31 -13.93
CA LYS A 112 -22.70 5.43 -13.19
C LYS A 112 -21.79 5.87 -12.06
N GLY A 113 -20.57 5.35 -11.99
CA GLY A 113 -19.61 5.69 -10.98
C GLY A 113 -19.55 4.69 -9.83
N VAL A 114 -20.64 3.98 -9.58
CA VAL A 114 -20.67 3.05 -8.46
C VAL A 114 -19.69 1.91 -8.72
N VAL A 115 -19.04 1.46 -7.65
CA VAL A 115 -18.06 0.38 -7.73
C VAL A 115 -18.78 -0.91 -7.35
N ILE A 116 -19.18 -1.69 -8.36
CA ILE A 116 -19.91 -2.91 -8.12
C ILE A 116 -19.00 -4.09 -7.78
N GLN A 117 -17.71 -3.99 -8.08
CA GLN A 117 -16.76 -5.04 -7.77
C GLN A 117 -15.42 -4.42 -7.45
N THR A 118 -14.87 -4.76 -6.29
CA THR A 118 -13.58 -4.26 -5.88
C THR A 118 -12.47 -5.20 -6.34
N GLY A 119 -11.25 -4.66 -6.42
CA GLY A 119 -10.12 -5.39 -6.91
C GLY A 119 -9.05 -5.56 -5.84
N ILE A 120 -8.13 -6.49 -6.12
CA ILE A 120 -7.06 -6.77 -5.18
C ILE A 120 -6.19 -5.55 -4.95
N LEU A 121 -6.23 -4.57 -5.86
CA LEU A 121 -5.44 -3.36 -5.66
C LEU A 121 -6.19 -2.37 -4.79
N SER A 122 -7.53 -2.36 -4.87
CA SER A 122 -8.34 -1.52 -4.00
C SER A 122 -8.58 -2.22 -2.68
N SER A 123 -7.50 -2.70 -2.07
CA SER A 123 -7.53 -3.31 -0.75
C SER A 123 -6.46 -2.79 0.17
N PHE A 124 -5.37 -2.24 -0.37
CA PHE A 124 -4.30 -1.65 0.41
C PHE A 124 -4.57 -0.21 0.77
N GLY A 125 -5.69 0.34 0.34
CA GLY A 125 -6.13 1.66 0.77
C GLY A 125 -7.02 1.55 1.99
N ASN A 126 -6.58 0.78 2.97
CA ASN A 126 -7.35 0.51 4.18
C ASN A 126 -6.81 1.33 5.34
N SER A 127 -7.72 1.86 6.15
CA SER A 127 -7.31 2.75 7.24
C SER A 127 -6.63 1.97 8.36
N ALA A 128 -7.15 0.80 8.70
CA ALA A 128 -6.63 0.05 9.84
C ALA A 128 -5.20 -0.41 9.56
N ALA A 129 -4.96 -0.96 8.38
CA ALA A 129 -3.63 -1.47 8.06
C ALA A 129 -2.60 -0.37 8.05
N TRP A 130 -2.92 0.78 7.45
CA TRP A 130 -1.97 1.88 7.40
C TRP A 130 -1.74 2.48 8.77
N LEU A 131 -2.80 2.56 9.58
CA LEU A 131 -2.63 2.99 10.97
C LEU A 131 -1.67 2.07 11.69
N ILE A 132 -1.84 0.76 11.54
CA ILE A 132 -0.98 -0.20 12.24
C ILE A 132 0.45 -0.08 11.74
N ALA A 133 0.64 0.12 10.45
CA ALA A 133 1.99 0.28 9.91
C ALA A 133 2.67 1.51 10.49
N MET A 134 1.99 2.65 10.42
CA MET A 134 2.56 3.86 10.98
C MET A 134 2.80 3.74 12.48
N ALA A 135 1.97 2.95 13.17
CA ALA A 135 2.20 2.73 14.59
C ALA A 135 3.43 1.87 14.83
N PHE A 136 3.66 0.87 13.98
CA PHE A 136 4.90 0.11 14.04
C PHE A 136 6.10 1.03 13.85
N ILE A 137 5.98 2.00 12.94
CA ILE A 137 7.08 2.92 12.69
C ILE A 137 7.32 3.81 13.91
N MET A 138 6.24 4.36 14.47
CA MET A 138 6.38 5.15 15.70
C MET A 138 7.01 4.33 16.80
N ALA A 139 6.65 3.05 16.89
CA ALA A 139 7.26 2.17 17.89
C ALA A 139 8.76 2.01 17.63
N HIS A 140 9.14 1.92 16.35
CA HIS A 140 10.56 1.88 16.03
C HIS A 140 11.25 3.14 16.50
N GLY A 141 10.59 4.27 16.37
CA GLY A 141 11.17 5.51 16.85
C GLY A 141 11.32 5.51 18.36
N ILE A 142 10.32 4.98 19.06
CA ILE A 142 10.36 4.92 20.52
C ILE A 142 11.49 4.00 20.97
N SER A 143 11.73 2.92 20.22
CA SER A 143 12.79 1.99 20.58
C SER A 143 14.17 2.55 20.25
N LYS A 144 14.26 3.33 19.18
CA LYS A 144 15.54 3.91 18.76
C LYS A 144 15.96 5.04 19.69
N THR A 145 15.02 5.89 20.08
CA THR A 145 15.35 7.03 20.92
C THR A 145 15.86 6.59 22.29
N GLY A 146 15.40 5.44 22.78
CA GLY A 146 15.64 5.04 24.14
C GLY A 146 14.52 5.35 25.10
N LEU A 147 13.33 5.67 24.58
CA LEU A 147 12.21 6.03 25.44
C LEU A 147 11.50 4.79 25.96
N GLY A 148 11.33 3.79 25.10
CA GLY A 148 10.65 2.58 25.50
C GLY A 148 11.32 1.90 26.68
N ASN A 149 12.65 1.83 26.66
CA ASN A 149 13.38 1.17 27.74
C ASN A 149 13.28 1.96 29.04
N ARG A 150 13.30 3.28 28.96
CA ARG A 150 13.12 4.09 30.15
C ARG A 150 11.75 3.87 30.75
N VAL A 151 10.71 3.92 29.92
CA VAL A 151 9.35 3.63 30.39
C VAL A 151 9.28 2.24 31.00
N ALA A 152 9.95 1.27 30.37
CA ALA A 152 9.91 -0.10 30.87
C ALA A 152 10.51 -0.18 32.26
N TYR A 153 11.69 0.41 32.45
CA TYR A 153 12.32 0.35 33.76
C TYR A 153 11.53 1.13 34.79
N VAL A 154 10.82 2.18 34.37
CA VAL A 154 9.95 2.90 35.31
C VAL A 154 8.82 1.99 35.77
N MET A 155 8.14 1.34 34.82
CA MET A 155 7.04 0.46 35.18
C MET A 155 7.51 -0.73 36.00
N ILE A 156 8.75 -1.18 35.77
CA ILE A 156 9.30 -2.27 36.58
C ILE A 156 9.63 -1.79 37.99
N GLU A 157 10.14 -0.57 38.14
CA GLU A 157 10.33 -0.01 39.47
C GLU A 157 9.02 0.11 40.21
N LYS A 158 7.94 0.45 39.50
CA LYS A 158 6.66 0.65 40.16
C LYS A 158 5.99 -0.69 40.50
N PHE A 159 5.67 -1.48 39.48
CA PHE A 159 5.00 -2.77 39.66
C PHE A 159 5.76 -3.88 38.94
N GLY A 160 7.07 -3.94 39.12
CA GLY A 160 7.86 -4.94 38.45
C GLY A 160 7.80 -6.31 39.08
N LYS A 161 8.19 -6.40 40.35
CA LYS A 161 8.07 -7.66 41.07
C LYS A 161 6.67 -8.21 40.91
N ARG A 162 6.55 -9.54 40.93
CA ARG A 162 5.27 -10.20 40.75
C ARG A 162 4.66 -9.82 39.40
N SER A 163 5.31 -10.32 38.34
CA SER A 163 5.00 -9.95 36.95
C SER A 163 3.50 -9.82 36.70
N ILE A 164 2.69 -10.60 37.41
CA ILE A 164 1.25 -10.40 37.33
C ILE A 164 0.91 -8.97 37.70
N GLY A 165 1.72 -8.35 38.55
CA GLY A 165 1.58 -6.92 38.79
C GLY A 165 1.75 -6.10 37.53
N ILE A 166 2.74 -6.46 36.71
CA ILE A 166 2.92 -5.76 35.44
C ILE A 166 1.71 -5.97 34.56
N GLY A 167 1.18 -7.20 34.52
CA GLY A 167 0.02 -7.47 33.70
C GLY A 167 -1.20 -6.68 34.14
N TYR A 168 -1.41 -6.58 35.46
CA TYR A 168 -2.54 -5.81 35.95
C TYR A 168 -2.34 -4.32 35.74
N ALA A 169 -1.09 -3.85 35.79
CA ALA A 169 -0.85 -2.44 35.51
C ALA A 169 -1.13 -2.10 34.05
N ILE A 170 -0.67 -2.94 33.12
CA ILE A 170 -1.00 -2.71 31.72
C ILE A 170 -2.49 -2.82 31.49
N THR A 171 -3.16 -3.73 32.21
CA THR A 171 -4.62 -3.83 32.09
C THR A 171 -5.29 -2.54 32.54
N GLY A 172 -4.88 -2.00 33.69
CA GLY A 172 -5.46 -0.76 34.17
C GLY A 172 -5.16 0.42 33.26
N LEU A 173 -3.96 0.46 32.70
CA LEU A 173 -3.62 1.50 31.74
C LEU A 173 -4.53 1.46 30.54
N GLU A 174 -4.71 0.27 29.95
CA GLU A 174 -5.61 0.13 28.83
C GLU A 174 -7.04 0.50 29.20
N LEU A 175 -7.48 0.11 30.40
CA LEU A 175 -8.83 0.46 30.83
C LEU A 175 -9.01 1.97 30.93
N MET A 176 -8.03 2.67 31.50
CA MET A 176 -8.13 4.12 31.60
C MET A 176 -8.13 4.76 30.22
N MET A 177 -7.28 4.26 29.31
CA MET A 177 -7.23 4.83 27.97
C MET A 177 -8.48 4.54 27.15
N GLY A 178 -9.26 3.53 27.53
CA GLY A 178 -10.46 3.23 26.76
C GLY A 178 -11.45 4.38 26.73
N ALA A 179 -11.51 5.14 27.82
CA ALA A 179 -12.49 6.21 27.94
C ALA A 179 -12.19 7.39 27.03
N LEU A 180 -10.98 7.49 26.49
CA LEU A 180 -10.56 8.64 25.70
C LEU A 180 -10.28 8.26 24.25
N ILE A 181 -9.39 7.30 24.03
CA ILE A 181 -8.99 6.89 22.69
C ILE A 181 -10.05 5.97 22.10
N PRO A 182 -10.77 6.38 21.05
CA PRO A 182 -11.84 5.54 20.53
C PRO A 182 -11.38 4.52 19.49
N SER A 183 -10.08 4.30 19.37
CA SER A 183 -9.52 3.35 18.41
C SER A 183 -8.65 2.35 19.15
N ASN A 184 -9.08 1.09 19.16
CA ASN A 184 -8.31 0.05 19.83
C ASN A 184 -6.97 -0.19 19.16
N SER A 185 -6.94 -0.15 17.82
CA SER A 185 -5.68 -0.35 17.11
C SER A 185 -4.63 0.65 17.57
N ALA A 186 -5.05 1.88 17.87
CA ALA A 186 -4.11 2.88 18.36
C ALA A 186 -3.70 2.57 19.79
N ARG A 187 -4.69 2.38 20.68
CA ARG A 187 -4.39 2.01 22.05
C ARG A 187 -3.40 0.86 22.13
N THR A 188 -3.36 0.02 21.10
CA THR A 188 -2.46 -1.12 21.10
C THR A 188 -1.10 -0.79 20.48
N GLY A 189 -1.10 -0.41 19.20
CA GLY A 189 0.15 -0.22 18.48
C GLY A 189 0.88 1.05 18.81
N GLY A 190 0.27 1.94 19.58
CA GLY A 190 0.88 3.24 19.84
C GLY A 190 1.33 3.42 21.27
N VAL A 191 0.72 2.68 22.20
CA VAL A 191 0.95 2.87 23.64
C VAL A 191 1.42 1.58 24.30
N THR A 192 0.61 0.53 24.24
CA THR A 192 0.85 -0.65 25.05
C THR A 192 1.69 -1.71 24.34
N TRP A 193 1.69 -1.75 23.03
CA TRP A 193 2.55 -2.69 22.33
C TRP A 193 4.01 -2.26 22.51
N PRO A 194 4.31 -0.96 22.38
CA PRO A 194 5.66 -0.51 22.72
C PRO A 194 6.05 -0.83 24.16
N VAL A 195 5.16 -0.64 25.11
CA VAL A 195 5.47 -0.94 26.50
C VAL A 195 5.74 -2.43 26.67
N VAL A 196 4.92 -3.26 26.04
CA VAL A 196 5.12 -4.70 26.10
C VAL A 196 6.49 -5.07 25.53
N GLU A 197 6.81 -4.53 24.35
CA GLU A 197 8.08 -4.84 23.72
C GLU A 197 9.25 -4.41 24.60
N SER A 198 9.16 -3.23 25.21
CA SER A 198 10.24 -2.73 26.03
C SER A 198 10.42 -3.56 27.29
N ILE A 199 9.31 -3.87 27.98
CA ILE A 199 9.42 -4.67 29.18
C ILE A 199 9.94 -6.06 28.85
N SER A 200 9.60 -6.60 27.68
CA SER A 200 10.11 -7.91 27.29
C SER A 200 11.59 -7.85 26.97
N LYS A 201 12.03 -6.78 26.31
CA LYS A 201 13.43 -6.64 25.96
C LYS A 201 14.29 -6.27 27.16
N SER A 202 13.68 -5.80 28.25
CA SER A 202 14.43 -5.60 29.48
C SER A 202 14.65 -6.91 30.23
N TYR A 203 13.75 -7.87 30.04
CA TYR A 203 13.89 -9.22 30.58
C TYR A 203 14.63 -10.14 29.63
N ASP A 204 15.07 -9.64 28.48
CA ASP A 204 15.75 -10.44 27.47
C ASP A 204 14.80 -11.48 26.88
N SER A 205 13.59 -11.04 26.56
CA SER A 205 12.56 -11.88 25.94
C SER A 205 12.40 -11.44 24.49
N LYS A 206 13.05 -12.14 23.61
CA LYS A 206 13.00 -11.81 22.21
C LYS A 206 12.00 -12.70 21.48
N PRO A 207 11.38 -12.20 20.41
CA PRO A 207 10.37 -12.99 19.71
C PRO A 207 11.00 -14.04 18.80
N ASN A 208 10.14 -14.97 18.35
CA ASN A 208 10.56 -16.06 17.49
C ASN A 208 11.80 -16.76 18.06
N ASP A 209 11.76 -16.98 19.37
CA ASP A 209 12.88 -17.52 20.13
C ASP A 209 12.31 -18.28 21.31
N PRO A 210 12.94 -19.38 21.74
CA PRO A 210 12.47 -20.04 22.96
C PRO A 210 12.50 -19.14 24.18
N SER A 211 13.07 -17.95 24.09
CA SER A 211 13.08 -16.99 25.17
C SER A 211 11.87 -16.07 25.15
N ARG A 212 10.89 -16.35 24.29
CA ARG A 212 9.67 -15.56 24.28
C ARG A 212 8.78 -15.86 25.48
N LYS A 213 8.90 -17.05 26.03
CA LYS A 213 8.03 -17.50 27.13
C LYS A 213 8.38 -16.85 28.45
N LYS A 214 9.47 -16.09 28.53
CA LYS A 214 9.90 -15.54 29.81
C LYS A 214 8.83 -14.61 30.36
N ILE A 215 8.63 -13.47 29.72
CA ILE A 215 7.58 -12.54 30.15
C ILE A 215 6.84 -11.95 28.95
N GLY A 216 7.40 -12.10 27.75
CA GLY A 216 6.87 -11.39 26.61
C GLY A 216 5.51 -11.90 26.17
N ALA A 217 5.35 -13.22 26.14
CA ALA A 217 4.11 -13.80 25.66
C ALA A 217 2.96 -13.53 26.60
N TYR A 218 3.17 -13.73 27.89
CA TYR A 218 2.15 -13.42 28.88
C TYR A 218 1.68 -11.98 28.74
N LEU A 219 2.62 -11.04 28.59
CA LEU A 219 2.26 -9.64 28.49
C LEU A 219 1.54 -9.33 27.19
N ASP A 220 1.96 -9.95 26.09
CA ASP A 220 1.28 -9.78 24.82
C ASP A 220 -0.19 -10.21 24.94
N PHE A 221 -0.41 -11.43 25.41
CA PHE A 221 -1.77 -11.93 25.59
C PHE A 221 -2.57 -11.02 26.51
N MET A 222 -1.99 -10.64 27.65
CA MET A 222 -2.70 -9.81 28.60
C MET A 222 -3.02 -8.45 28.02
N ALA A 223 -2.15 -7.90 27.17
CA ALA A 223 -2.44 -6.63 26.52
C ALA A 223 -3.63 -6.77 25.59
N PHE A 224 -3.65 -7.84 24.80
CA PHE A 224 -4.79 -8.07 23.91
C PHE A 224 -6.09 -8.13 24.71
N HIS A 225 -6.09 -8.91 25.79
CA HIS A 225 -7.34 -9.10 26.51
C HIS A 225 -7.72 -7.88 27.35
N ALA A 226 -6.74 -7.07 27.76
CA ALA A 226 -7.08 -5.80 28.39
C ALA A 226 -7.67 -4.83 27.38
N ASN A 227 -7.18 -4.86 26.14
CA ASN A 227 -7.82 -4.08 25.09
C ASN A 227 -9.26 -4.52 24.90
N ILE A 228 -9.49 -5.83 24.94
CA ILE A 228 -10.87 -6.34 24.88
C ILE A 228 -11.69 -5.75 26.02
N LEU A 229 -11.18 -5.83 27.25
CA LEU A 229 -11.95 -5.36 28.40
C LEU A 229 -12.27 -3.88 28.29
N SER A 230 -11.28 -3.08 27.89
CA SER A 230 -11.50 -1.65 27.74
C SER A 230 -12.51 -1.35 26.64
N THR A 231 -12.43 -2.07 25.52
CA THR A 231 -13.44 -1.93 24.48
C THR A 231 -14.83 -2.26 25.02
N ALA A 232 -14.91 -3.20 25.96
CA ALA A 232 -16.21 -3.62 26.47
C ALA A 232 -16.74 -2.65 27.51
N LEU A 233 -15.86 -1.95 28.22
CA LEU A 233 -16.29 -1.11 29.33
C LEU A 233 -16.86 0.21 28.84
N PHE A 234 -16.23 0.82 27.86
CA PHE A 234 -16.63 2.13 27.35
C PHE A 234 -17.14 2.00 25.92
N ILE A 235 -18.31 2.60 25.68
CA ILE A 235 -18.88 2.59 24.34
C ILE A 235 -18.02 3.37 23.36
N THR A 236 -17.13 4.23 23.87
CA THR A 236 -16.15 4.93 23.06
C THR A 236 -14.83 4.20 23.03
N GLY A 237 -14.88 2.87 23.10
CA GLY A 237 -13.68 2.05 23.07
C GLY A 237 -13.41 1.45 21.72
N ALA A 238 -14.38 1.57 20.81
CA ALA A 238 -14.22 1.05 19.46
C ALA A 238 -15.44 1.43 18.64
N ALA A 239 -15.33 1.21 17.33
CA ALA A 239 -16.39 1.53 16.38
C ALA A 239 -17.58 0.59 16.50
N PRO A 240 -17.38 -0.72 16.50
CA PRO A 240 -18.54 -1.63 16.54
C PRO A 240 -19.52 -1.31 17.66
N ASN A 241 -19.03 -0.78 18.78
CA ASN A 241 -19.94 -0.35 19.83
C ASN A 241 -20.79 0.81 19.36
N LEU A 242 -20.21 1.75 18.63
CA LEU A 242 -20.99 2.85 18.06
C LEU A 242 -21.99 2.32 17.04
N VAL A 243 -21.62 1.31 16.27
CA VAL A 243 -22.55 0.72 15.32
C VAL A 243 -23.73 0.11 16.06
N ALA A 244 -23.45 -0.62 17.14
CA ALA A 244 -24.52 -1.18 17.96
C ALA A 244 -25.40 -0.08 18.51
N GLN A 245 -24.80 1.05 18.88
CA GLN A 245 -25.59 2.19 19.36
C GLN A 245 -26.55 2.67 18.29
N GLN A 246 -26.03 2.91 17.08
CA GLN A 246 -26.87 3.38 15.99
C GLN A 246 -28.01 2.39 15.73
N MET A 247 -27.71 1.10 15.73
CA MET A 247 -28.74 0.10 15.45
C MET A 247 -29.80 0.10 16.55
N ALA A 248 -29.38 -0.03 17.81
CA ALA A 248 -30.34 -0.02 18.90
C ALA A 248 -31.19 1.23 18.90
N ALA A 249 -30.62 2.36 18.46
CA ALA A 249 -31.44 3.56 18.28
C ALA A 249 -32.41 3.39 17.12
N GLN A 250 -32.01 2.65 16.09
CA GLN A 250 -32.92 2.35 14.99
C GLN A 250 -34.13 1.56 15.47
N LYS A 251 -33.93 0.70 16.47
CA LYS A 251 -34.99 -0.18 16.96
C LYS A 251 -35.67 0.33 18.21
N GLY A 252 -35.26 1.48 18.73
CA GLY A 252 -35.91 2.09 19.87
C GLY A 252 -35.24 1.90 21.20
N TYR A 253 -33.91 1.79 21.23
CA TYR A 253 -33.16 1.65 22.48
C TYR A 253 -31.94 2.55 22.39
N GLN A 254 -31.87 3.54 23.28
CA GLN A 254 -30.81 4.55 23.23
C GLN A 254 -29.71 4.15 24.20
N MET A 255 -28.63 3.59 23.67
CA MET A 255 -27.44 3.35 24.46
C MET A 255 -26.75 4.68 24.76
N SER A 256 -26.31 4.83 26.01
CA SER A 256 -25.63 6.04 26.45
C SER A 256 -24.36 5.67 27.18
N TRP A 257 -23.41 6.60 27.19
CA TRP A 257 -22.11 6.36 27.80
C TRP A 257 -22.27 5.92 29.26
N VAL A 258 -23.27 6.46 29.96
CA VAL A 258 -23.43 6.13 31.38
C VAL A 258 -24.16 4.80 31.54
N SER A 259 -25.11 4.49 30.65
CA SER A 259 -25.84 3.23 30.76
C SER A 259 -24.94 2.04 30.42
N TRP A 260 -24.27 2.11 29.27
CA TRP A 260 -23.31 1.08 28.89
C TRP A 260 -22.31 0.85 30.00
N PHE A 261 -21.80 1.93 30.60
CA PHE A 261 -20.79 1.79 31.65
C PHE A 261 -21.38 1.15 32.90
N TRP A 262 -22.55 1.62 33.34
CA TRP A 262 -23.14 1.06 34.55
C TRP A 262 -23.56 -0.38 34.35
N ALA A 263 -23.74 -0.82 33.10
CA ALA A 263 -24.10 -2.21 32.86
C ALA A 263 -22.86 -3.09 32.71
N ALA A 264 -21.78 -2.56 32.14
CA ALA A 264 -20.57 -3.33 31.90
C ALA A 264 -19.57 -3.24 33.04
N LEU A 265 -19.85 -2.43 34.06
CA LEU A 265 -18.93 -2.32 35.18
C LEU A 265 -18.71 -3.67 35.86
N VAL A 266 -19.78 -4.29 36.34
CA VAL A 266 -19.68 -5.50 37.15
C VAL A 266 -19.03 -6.61 36.34
N PRO A 267 -19.59 -7.01 35.20
CA PRO A 267 -18.96 -8.07 34.41
C PRO A 267 -17.51 -7.78 34.06
N VAL A 268 -17.18 -6.50 33.82
CA VAL A 268 -15.79 -6.19 33.47
C VAL A 268 -14.89 -6.29 34.69
N LEU A 269 -15.41 -6.01 35.88
CA LEU A 269 -14.62 -6.23 37.08
C LEU A 269 -14.38 -7.73 37.31
N VAL A 270 -15.45 -8.52 37.15
CA VAL A 270 -15.29 -9.97 37.26
C VAL A 270 -14.25 -10.47 36.28
N ALA A 271 -14.27 -9.96 35.04
CA ALA A 271 -13.30 -10.37 34.05
C ALA A 271 -11.90 -9.91 34.43
N THR A 272 -11.75 -8.65 34.82
CA THR A 272 -10.45 -8.16 35.26
C THR A 272 -9.88 -9.03 36.37
N VAL A 273 -10.73 -9.58 37.22
CA VAL A 273 -10.25 -10.38 38.34
C VAL A 273 -9.95 -11.81 37.91
N ILE A 274 -10.69 -12.32 36.94
CA ILE A 274 -10.60 -13.74 36.59
C ILE A 274 -9.65 -13.96 35.43
N ILE A 275 -9.95 -13.35 34.29
CA ILE A 275 -9.20 -13.63 33.06
C ILE A 275 -7.70 -13.55 33.28
N PRO A 276 -7.14 -12.49 33.86
CA PRO A 276 -5.70 -12.50 34.14
C PRO A 276 -5.26 -13.68 34.97
N LEU A 277 -6.08 -14.11 35.94
CA LEU A 277 -5.68 -15.23 36.77
C LEU A 277 -5.62 -16.53 35.98
N VAL A 278 -6.62 -16.78 35.14
CA VAL A 278 -6.59 -18.02 34.35
C VAL A 278 -5.51 -17.97 33.28
N ILE A 279 -5.14 -16.77 32.81
CA ILE A 279 -4.01 -16.68 31.89
C ILE A 279 -2.71 -16.96 32.62
N TYR A 280 -2.58 -16.47 33.84
CA TYR A 280 -1.38 -16.72 34.64
C TYR A 280 -1.29 -18.17 35.07
N LYS A 281 -2.44 -18.86 35.15
CA LYS A 281 -2.43 -20.27 35.51
C LYS A 281 -2.30 -21.18 34.29
N MET A 282 -2.69 -20.69 33.12
CA MET A 282 -2.68 -21.48 31.89
C MET A 282 -1.48 -21.16 31.00
N TYR A 283 -1.04 -19.91 30.99
CA TYR A 283 0.07 -19.46 30.17
C TYR A 283 1.02 -18.67 31.05
N PRO A 284 1.65 -19.33 32.02
CA PRO A 284 2.36 -18.61 33.07
C PRO A 284 3.59 -17.90 32.55
N PRO A 285 3.99 -16.81 33.18
CA PRO A 285 5.20 -16.09 32.80
C PRO A 285 6.47 -16.70 33.38
N GLU A 286 7.12 -17.59 32.63
CA GLU A 286 8.23 -18.39 33.13
C GLU A 286 9.08 -17.67 34.17
N VAL A 287 9.32 -16.37 33.97
CA VAL A 287 9.96 -15.53 34.98
C VAL A 287 8.86 -14.93 35.83
N LYS A 288 8.58 -15.56 36.97
CA LYS A 288 7.42 -15.18 37.78
C LYS A 288 7.74 -14.15 38.85
N GLU A 289 8.98 -14.08 39.31
CA GLU A 289 9.34 -13.26 40.45
C GLU A 289 10.59 -12.44 40.16
N THR A 290 10.59 -11.19 40.60
CA THR A 290 11.74 -10.30 40.47
C THR A 290 11.88 -9.56 41.79
N PRO A 291 12.59 -10.15 42.76
CA PRO A 291 12.58 -9.57 44.12
C PRO A 291 13.31 -8.25 44.24
N ASN A 292 14.18 -7.91 43.30
CA ASN A 292 14.99 -6.70 43.36
C ASN A 292 14.78 -5.82 42.12
N ALA A 293 13.52 -5.62 41.74
CA ALA A 293 13.23 -4.82 40.56
C ALA A 293 13.61 -3.37 40.77
N LYS A 294 13.45 -2.87 42.00
CA LYS A 294 13.68 -1.46 42.27
C LYS A 294 15.15 -1.08 42.01
N ASN A 295 16.07 -1.79 42.66
CA ASN A 295 17.48 -1.45 42.53
C ASN A 295 17.95 -1.65 41.08
N TRP A 296 17.46 -2.70 40.43
CA TRP A 296 17.86 -2.96 39.05
C TRP A 296 17.39 -1.84 38.12
N ALA A 297 16.13 -1.44 38.24
CA ALA A 297 15.61 -0.37 37.42
C ALA A 297 16.35 0.94 37.69
N ASP A 298 16.61 1.25 38.97
CA ASP A 298 17.34 2.47 39.28
C ASP A 298 18.74 2.44 38.68
N ASP A 299 19.43 1.32 38.79
CA ASP A 299 20.77 1.19 38.22
C ASP A 299 20.72 1.42 36.71
N LYS A 300 19.79 0.77 36.01
CA LYS A 300 19.74 0.89 34.57
C LYS A 300 19.38 2.32 34.15
N LEU A 301 18.42 2.94 34.85
CA LEU A 301 18.06 4.32 34.53
C LEU A 301 19.25 5.24 34.69
N LYS A 302 19.88 5.24 35.88
CA LYS A 302 21.04 6.08 36.10
C LYS A 302 22.13 5.81 35.07
N GLU A 303 22.29 4.55 34.66
CA GLU A 303 23.23 4.23 33.60
C GLU A 303 22.79 4.77 32.26
N MET A 304 21.50 5.09 32.10
CA MET A 304 21.01 5.69 30.88
C MET A 304 21.20 7.19 30.84
N GLY A 305 21.72 7.78 31.90
CA GLY A 305 21.94 9.21 31.95
C GLY A 305 20.65 10.00 31.90
N PRO A 306 20.75 11.31 32.05
CA PRO A 306 19.56 12.16 31.96
C PRO A 306 18.83 11.95 30.64
N ILE A 307 17.61 12.48 30.58
CA ILE A 307 16.80 12.34 29.38
C ILE A 307 17.39 13.21 28.28
N SER A 308 17.30 12.73 27.04
CA SER A 308 17.94 13.35 25.90
C SER A 308 16.93 14.15 25.07
N LYS A 309 17.46 14.83 24.06
CA LYS A 309 16.67 15.70 23.20
C LYS A 309 15.78 14.88 22.25
N PRO A 310 16.33 13.89 21.55
CA PRO A 310 15.44 13.06 20.71
C PRO A 310 14.35 12.37 21.50
N GLU A 311 14.66 11.93 22.72
CA GLU A 311 13.63 11.34 23.57
C GLU A 311 12.55 12.36 23.92
N LYS A 312 12.95 13.60 24.21
CA LYS A 312 11.97 14.63 24.52
C LYS A 312 11.09 14.92 23.32
N ILE A 313 11.68 14.93 22.12
CA ILE A 313 10.90 15.21 20.92
C ILE A 313 9.94 14.07 20.64
N MET A 314 10.39 12.82 20.82
CA MET A 314 9.51 11.69 20.61
C MET A 314 8.39 11.69 21.63
N ALA A 315 8.68 12.10 22.87
CA ALA A 315 7.64 12.22 23.88
C ALA A 315 6.62 13.28 23.48
N THR A 316 7.10 14.42 22.96
CA THR A 316 6.19 15.46 22.52
C THR A 316 5.30 14.98 21.39
N VAL A 317 5.88 14.29 20.41
CA VAL A 317 5.09 13.78 19.30
C VAL A 317 4.08 12.75 19.79
N PHE A 318 4.49 11.89 20.72
CA PHE A 318 3.58 10.89 21.24
C PHE A 318 2.42 11.54 21.97
N CYS A 319 2.70 12.51 22.85
CA CYS A 319 1.64 13.21 23.55
C CYS A 319 0.72 13.93 22.57
N LEU A 320 1.28 14.50 21.51
CA LEU A 320 0.44 15.17 20.51
C LEU A 320 -0.47 14.16 19.81
N ALA A 321 0.06 13.00 19.44
CA ALA A 321 -0.77 11.99 18.80
C ALA A 321 -1.87 11.51 19.74
N ILE A 322 -1.54 11.31 21.02
CA ILE A 322 -2.54 10.90 21.99
C ILE A 322 -3.62 11.97 22.13
N LEU A 323 -3.21 13.24 22.10
CA LEU A 323 -4.17 14.33 22.20
C LEU A 323 -5.10 14.35 21.00
N LEU A 324 -4.54 14.20 19.80
CA LEU A 324 -5.39 14.15 18.62
C LEU A 324 -6.33 12.94 18.66
N TRP A 325 -5.85 11.82 19.17
CA TRP A 325 -6.68 10.63 19.24
C TRP A 325 -7.83 10.82 20.21
N VAL A 326 -7.58 11.47 21.35
CA VAL A 326 -8.67 11.69 22.30
C VAL A 326 -9.61 12.78 21.84
N LEU A 327 -9.13 13.74 21.04
CA LEU A 327 -10.01 14.73 20.46
C LEU A 327 -10.86 14.15 19.33
N SER A 328 -10.35 13.10 18.68
CA SER A 328 -11.08 12.45 17.60
C SER A 328 -12.42 11.88 18.04
N GLY A 329 -12.70 11.85 19.34
CA GLY A 329 -13.98 11.33 19.80
C GLY A 329 -15.05 12.39 19.87
N PHE A 330 -14.67 13.65 20.11
CA PHE A 330 -15.60 14.74 20.17
C PHE A 330 -15.74 15.48 18.84
N PHE A 331 -14.67 15.57 18.07
CA PHE A 331 -14.68 16.23 16.76
C PHE A 331 -14.39 15.19 15.69
N LYS A 332 -15.38 14.92 14.85
CA LYS A 332 -15.20 14.04 13.71
C LYS A 332 -14.73 14.90 12.54
N ILE A 333 -13.44 14.81 12.24
CA ILE A 333 -12.80 15.70 11.29
C ILE A 333 -11.72 14.91 10.55
N PRO A 334 -11.61 15.04 9.22
CA PRO A 334 -10.60 14.25 8.50
C PRO A 334 -9.20 14.41 9.05
N GLN A 335 -8.88 15.57 9.62
CA GLN A 335 -7.56 15.79 10.20
C GLN A 335 -7.31 14.95 11.45
N LEU A 336 -8.32 14.20 11.92
CA LEU A 336 -8.21 13.38 13.12
C LEU A 336 -8.74 11.97 12.88
N ASP A 337 -8.39 11.37 11.74
CA ASP A 337 -8.95 10.09 11.35
C ASP A 337 -8.37 8.92 12.13
N SER A 338 -7.42 9.18 13.04
CA SER A 338 -6.79 8.13 13.84
C SER A 338 -5.78 7.33 13.03
N ALA A 339 -5.70 7.60 11.73
CA ALA A 339 -4.62 7.10 10.88
C ALA A 339 -3.79 8.23 10.29
N PHE A 340 -4.44 9.28 9.80
CA PHE A 340 -3.72 10.48 9.44
C PHE A 340 -2.92 11.01 10.61
N VAL A 341 -3.36 10.75 11.84
CA VAL A 341 -2.58 11.16 12.99
C VAL A 341 -1.26 10.41 13.05
N ALA A 342 -1.28 9.12 12.71
CA ALA A 342 -0.03 8.37 12.67
C ALA A 342 0.85 8.84 11.52
N PHE A 343 0.25 9.10 10.36
CA PHE A 343 1.00 9.69 9.26
C PHE A 343 1.66 10.99 9.70
N LEU A 344 0.94 11.80 10.46
CA LEU A 344 1.44 13.11 10.87
C LEU A 344 2.55 12.97 11.89
N ALA A 345 2.42 12.04 12.84
CA ALA A 345 3.49 11.80 13.79
C ALA A 345 4.74 11.32 13.10
N VAL A 346 4.59 10.41 12.14
CA VAL A 346 5.74 9.94 11.37
C VAL A 346 6.38 11.09 10.61
N THR A 347 5.56 11.91 9.96
CA THR A 347 6.08 13.07 9.25
C THR A 347 6.84 14.01 10.18
N LEU A 348 6.34 14.20 11.40
CA LEU A 348 7.04 15.06 12.34
C LEU A 348 8.37 14.45 12.75
N LEU A 349 8.39 13.14 12.97
CA LEU A 349 9.65 12.48 13.30
C LEU A 349 10.63 12.58 12.15
N LEU A 350 10.14 12.62 10.91
CA LEU A 350 11.02 12.76 9.77
C LEU A 350 11.59 14.17 9.68
N ILE A 351 10.73 15.18 9.74
CA ILE A 351 11.19 16.56 9.63
C ILE A 351 11.93 17.02 10.87
N THR A 352 11.92 16.22 11.94
CA THR A 352 12.56 16.63 13.18
C THR A 352 13.93 15.97 13.36
N GLY A 353 14.08 14.73 12.92
CA GLY A 353 15.37 14.07 12.90
C GLY A 353 15.41 12.73 13.61
N VAL A 354 14.53 12.46 14.57
CA VAL A 354 14.63 11.23 15.34
C VAL A 354 14.29 9.99 14.52
N LEU A 355 13.87 10.16 13.27
CA LEU A 355 13.49 9.05 12.42
C LEU A 355 13.77 9.43 10.97
N SER A 356 14.75 8.78 10.36
CA SER A 356 15.01 8.97 8.95
C SER A 356 13.96 8.26 8.12
N MET A 357 14.13 8.27 6.81
CA MET A 357 13.22 7.53 5.94
C MET A 357 13.68 6.09 5.75
N GLU A 358 14.99 5.85 5.71
CA GLU A 358 15.47 4.48 5.67
C GLU A 358 15.08 3.72 6.92
N ASP A 359 14.96 4.41 8.05
CA ASP A 359 14.53 3.75 9.28
C ASP A 359 13.07 3.31 9.18
N ALA A 360 12.27 4.03 8.39
CA ALA A 360 10.88 3.68 8.20
C ALA A 360 10.66 2.75 7.02
N LEU A 361 11.66 2.57 6.16
CA LEU A 361 11.47 1.76 4.97
C LEU A 361 11.73 0.29 5.25
N HIS A 362 12.76 -0.03 6.02
CA HIS A 362 13.07 -1.42 6.35
C HIS A 362 12.51 -1.82 7.71
N GLU A 363 11.37 -1.22 8.08
CA GLU A 363 10.55 -1.71 9.18
C GLU A 363 9.57 -2.72 8.60
N THR A 364 10.00 -3.98 8.52
CA THR A 364 9.27 -4.97 7.75
C THR A 364 7.85 -5.17 8.28
N GLY A 365 7.69 -5.31 9.60
CA GLY A 365 6.38 -5.60 10.14
C GLY A 365 5.28 -4.73 9.56
N ALA A 366 5.59 -3.45 9.33
CA ALA A 366 4.60 -2.53 8.79
C ALA A 366 4.08 -3.03 7.45
N TRP A 367 5.00 -3.33 6.53
CA TRP A 367 4.59 -3.72 5.19
C TRP A 367 4.00 -5.12 5.18
N ASN A 368 4.51 -6.02 6.02
CA ASN A 368 3.92 -7.36 6.09
C ASN A 368 2.47 -7.29 6.56
N ILE A 369 2.21 -6.52 7.61
CA ILE A 369 0.85 -6.43 8.12
C ILE A 369 -0.02 -5.71 7.11
N LEU A 370 0.46 -4.62 6.51
CA LEU A 370 -0.26 -4.01 5.40
C LEU A 370 -0.72 -5.09 4.43
N ILE A 371 0.23 -5.84 3.87
CA ILE A 371 -0.07 -6.84 2.86
C ILE A 371 -1.16 -7.77 3.36
N TRP A 372 -0.88 -8.51 4.43
CA TRP A 372 -1.72 -9.66 4.76
C TRP A 372 -3.05 -9.23 5.37
N LEU A 373 -3.04 -8.19 6.21
CA LEU A 373 -4.31 -7.70 6.75
C LEU A 373 -5.20 -7.13 5.65
N SER A 374 -4.62 -6.35 4.72
CA SER A 374 -5.42 -5.84 3.62
C SER A 374 -6.02 -6.97 2.81
N ILE A 375 -5.22 -8.00 2.53
CA ILE A 375 -5.72 -9.10 1.71
C ILE A 375 -6.84 -9.85 2.42
N LEU A 376 -6.68 -10.10 3.73
CA LEU A 376 -7.70 -10.82 4.46
C LEU A 376 -8.99 -10.01 4.54
N ILE A 377 -8.87 -8.69 4.76
CA ILE A 377 -10.07 -7.85 4.80
C ILE A 377 -10.75 -7.85 3.44
N PHE A 378 -9.97 -7.83 2.36
CA PHE A 378 -10.56 -7.87 1.03
C PHE A 378 -11.32 -9.17 0.80
N MET A 379 -10.74 -10.30 1.19
CA MET A 379 -11.40 -11.58 0.98
C MET A 379 -12.66 -11.68 1.83
N ALA A 380 -12.63 -11.16 3.06
CA ALA A 380 -13.84 -11.17 3.88
C ALA A 380 -14.91 -10.26 3.29
N GLY A 381 -14.52 -9.12 2.75
CA GLY A 381 -15.48 -8.27 2.07
C GLY A 381 -16.09 -8.96 0.87
N LYS A 382 -15.30 -9.78 0.18
CA LYS A 382 -15.85 -10.56 -0.93
C LYS A 382 -16.81 -11.62 -0.42
N LEU A 383 -16.53 -12.17 0.76
CA LEU A 383 -17.48 -13.10 1.39
C LEU A 383 -18.78 -12.39 1.71
N ILE A 384 -18.71 -11.12 2.10
CA ILE A 384 -19.91 -10.39 2.49
C ILE A 384 -20.71 -9.95 1.27
N SER A 385 -20.02 -9.59 0.19
CA SER A 385 -20.71 -9.07 -0.98
C SER A 385 -21.36 -10.17 -1.82
N TYR A 386 -20.70 -11.32 -1.92
CA TYR A 386 -21.21 -12.42 -2.75
C TYR A 386 -22.45 -13.07 -2.18
N GLY A 387 -22.92 -12.65 -1.00
CA GLY A 387 -24.14 -13.18 -0.44
C GLY A 387 -23.98 -14.39 0.44
N PHE A 388 -22.96 -14.41 1.29
CA PHE A 388 -22.77 -15.51 2.23
C PHE A 388 -23.35 -15.17 3.59
N ILE A 389 -22.94 -14.03 4.15
CA ILE A 389 -23.40 -13.62 5.48
C ILE A 389 -24.90 -13.39 5.45
N ALA A 390 -25.42 -12.80 4.38
CA ALA A 390 -26.84 -12.54 4.31
C ALA A 390 -27.63 -13.84 4.28
N TRP A 391 -27.11 -14.85 3.58
CA TRP A 391 -27.78 -16.15 3.59
C TRP A 391 -27.73 -16.77 4.97
N PHE A 392 -26.58 -16.69 5.65
CA PHE A 392 -26.50 -17.20 7.01
C PHE A 392 -27.54 -16.52 7.90
N ALA A 393 -27.69 -15.21 7.76
CA ALA A 393 -28.66 -14.49 8.59
C ALA A 393 -30.09 -14.93 8.28
N LYS A 394 -30.42 -15.08 7.00
CA LYS A 394 -31.75 -15.54 6.65
C LYS A 394 -31.99 -16.96 7.14
N PHE A 395 -30.95 -17.80 7.10
CA PHE A 395 -31.06 -19.16 7.61
C PHE A 395 -31.39 -19.15 9.09
N ILE A 396 -30.67 -18.33 9.86
CA ILE A 396 -30.95 -18.21 11.29
C ILE A 396 -32.36 -17.67 11.51
N GLN A 397 -32.78 -16.72 10.68
CA GLN A 397 -34.09 -16.11 10.86
C GLN A 397 -35.22 -17.08 10.55
N SER A 398 -34.96 -18.06 9.68
CA SER A 398 -35.98 -19.00 9.27
C SER A 398 -35.88 -20.36 9.97
N GLU A 399 -34.81 -20.59 10.74
CA GLU A 399 -34.65 -21.88 11.40
C GLU A 399 -35.28 -21.92 12.78
N VAL A 400 -34.84 -21.04 13.68
CA VAL A 400 -35.35 -21.02 15.06
C VAL A 400 -36.68 -20.29 15.04
N HIS A 401 -37.77 -21.01 15.31
CA HIS A 401 -39.10 -20.44 15.28
C HIS A 401 -39.80 -20.49 16.63
N GLY A 402 -39.91 -21.66 17.25
CA GLY A 402 -40.56 -21.77 18.54
C GLY A 402 -39.64 -22.21 19.66
N ILE A 403 -39.25 -21.27 20.53
CA ILE A 403 -38.38 -21.57 21.66
C ILE A 403 -38.60 -20.49 22.71
N ASN A 404 -38.33 -20.83 23.97
CA ASN A 404 -38.23 -19.82 25.01
C ASN A 404 -37.05 -18.90 24.72
N TRP A 405 -37.28 -17.60 24.87
CA TRP A 405 -36.31 -16.63 24.39
C TRP A 405 -34.95 -16.78 25.05
N GLY A 406 -34.85 -17.53 26.14
CA GLY A 406 -33.56 -17.73 26.77
C GLY A 406 -32.62 -18.55 25.90
N LEU A 407 -33.10 -19.71 25.42
CA LEU A 407 -32.29 -20.51 24.50
C LEU A 407 -32.05 -19.76 23.19
N VAL A 408 -33.01 -18.95 22.76
CA VAL A 408 -32.82 -18.15 21.56
C VAL A 408 -31.65 -17.20 21.74
N LEU A 409 -31.61 -16.51 22.89
CA LEU A 409 -30.51 -15.58 23.13
C LEU A 409 -29.19 -16.32 23.28
N VAL A 410 -29.20 -17.49 23.92
CA VAL A 410 -27.99 -18.29 24.02
C VAL A 410 -27.46 -18.61 22.62
N VAL A 411 -28.34 -19.09 21.75
CA VAL A 411 -27.94 -19.47 20.40
C VAL A 411 -27.43 -18.26 19.64
N LEU A 412 -28.10 -17.12 19.78
CA LEU A 412 -27.71 -15.93 19.03
C LEU A 412 -26.35 -15.43 19.50
N ILE A 413 -26.10 -15.47 20.81
CA ILE A 413 -24.79 -15.08 21.32
C ILE A 413 -23.72 -16.02 20.78
N LEU A 414 -23.99 -17.32 20.81
CA LEU A 414 -23.01 -18.29 20.32
C LEU A 414 -22.70 -18.05 18.85
N LEU A 415 -23.72 -17.78 18.04
CA LEU A 415 -23.51 -17.57 16.61
C LEU A 415 -22.80 -16.26 16.35
N MET A 416 -23.23 -15.18 16.98
CA MET A 416 -22.54 -13.91 16.84
C MET A 416 -21.12 -13.97 17.37
N PHE A 417 -20.81 -14.95 18.23
CA PHE A 417 -19.44 -15.15 18.66
C PHE A 417 -18.63 -15.88 17.61
N TYR A 418 -19.10 -17.05 17.19
CA TYR A 418 -18.32 -17.93 16.34
C TYR A 418 -18.52 -17.66 14.85
N THR A 419 -19.19 -16.58 14.48
CA THR A 419 -19.20 -16.12 13.10
C THR A 419 -18.08 -15.14 12.80
N HIS A 420 -17.44 -14.59 13.83
CA HIS A 420 -16.36 -13.64 13.62
C HIS A 420 -15.10 -14.31 13.11
N TYR A 421 -15.08 -15.64 13.03
CA TYR A 421 -14.00 -16.33 12.35
C TYR A 421 -14.03 -16.07 10.86
N PHE A 422 -15.18 -15.62 10.33
CA PHE A 422 -15.36 -15.33 8.91
C PHE A 422 -15.34 -13.83 8.63
N PHE A 423 -14.90 -13.02 9.58
CA PHE A 423 -14.77 -11.58 9.41
C PHE A 423 -13.39 -11.15 9.87
N ALA A 424 -13.01 -9.94 9.48
CA ALA A 424 -11.71 -9.39 9.85
C ALA A 424 -11.78 -7.92 10.25
N SER A 425 -12.96 -7.30 10.22
CA SER A 425 -13.10 -5.89 10.54
C SER A 425 -13.61 -5.66 11.95
N GLY A 426 -14.75 -6.26 12.28
CA GLY A 426 -15.45 -6.00 13.52
C GLY A 426 -16.60 -5.02 13.36
N THR A 427 -16.55 -4.18 12.33
CA THR A 427 -17.63 -3.27 12.00
C THR A 427 -18.57 -3.87 10.97
N ALA A 428 -18.02 -4.53 9.96
CA ALA A 428 -18.84 -5.25 9.00
C ALA A 428 -19.65 -6.33 9.69
N HIS A 429 -19.03 -7.05 10.61
CA HIS A 429 -19.73 -8.07 11.39
C HIS A 429 -21.00 -7.50 12.01
N MET A 430 -20.89 -6.36 12.67
CA MET A 430 -22.04 -5.77 13.33
C MET A 430 -23.06 -5.28 12.31
N THR A 431 -22.62 -4.41 11.39
CA THR A 431 -23.53 -3.91 10.36
C THR A 431 -24.32 -5.02 9.71
N ALA A 432 -23.75 -6.22 9.63
CA ALA A 432 -24.40 -7.32 8.92
C ALA A 432 -25.29 -8.17 9.82
N LEU A 433 -24.87 -8.43 11.06
CA LEU A 433 -25.54 -9.43 11.88
C LEU A 433 -26.10 -8.93 13.20
N TYR A 434 -26.00 -7.64 13.51
CA TYR A 434 -26.49 -7.16 14.79
C TYR A 434 -28.00 -6.93 14.74
N LEU A 435 -28.48 -6.29 13.69
CA LEU A 435 -29.89 -5.94 13.58
C LEU A 435 -30.73 -7.19 13.32
N PRO A 436 -30.30 -8.11 12.46
CA PRO A 436 -31.10 -9.34 12.25
C PRO A 436 -31.25 -10.18 13.51
N PHE A 437 -30.14 -10.45 14.20
CA PHE A 437 -30.22 -11.28 15.40
C PHE A 437 -31.00 -10.58 16.50
N LEU A 438 -30.77 -9.28 16.68
CA LEU A 438 -31.55 -8.51 17.65
C LEU A 438 -33.04 -8.56 17.30
N THR A 439 -33.35 -8.53 16.01
CA THR A 439 -34.74 -8.61 15.58
C THR A 439 -35.34 -9.96 15.95
N VAL A 440 -34.61 -11.05 15.66
CA VAL A 440 -35.12 -12.37 15.99
C VAL A 440 -35.33 -12.50 17.49
N ALA A 441 -34.37 -12.00 18.28
CA ALA A 441 -34.51 -12.04 19.72
C ALA A 441 -35.77 -11.31 20.18
N THR A 442 -35.92 -10.05 19.76
CA THR A 442 -37.08 -9.28 20.19
C THR A 442 -38.38 -9.87 19.68
N ALA A 443 -38.33 -10.64 18.59
CA ALA A 443 -39.51 -11.28 18.05
C ALA A 443 -39.84 -12.60 18.74
N MET A 444 -38.87 -13.21 19.41
CA MET A 444 -39.09 -14.45 20.15
C MET A 444 -39.48 -14.18 21.60
N GLY A 445 -39.79 -12.93 21.94
CA GLY A 445 -40.24 -12.55 23.27
C GLY A 445 -39.18 -11.87 24.10
N ALA A 446 -37.90 -12.00 23.74
CA ALA A 446 -36.84 -11.42 24.54
C ALA A 446 -37.02 -9.92 24.67
N PRO A 447 -36.58 -9.32 25.78
CA PRO A 447 -36.60 -7.86 25.88
C PRO A 447 -35.56 -7.22 24.98
N LEU A 448 -35.73 -5.93 24.74
CA LEU A 448 -34.94 -5.23 23.75
C LEU A 448 -33.59 -4.79 24.29
N GLY A 449 -33.58 -4.13 25.46
CA GLY A 449 -32.33 -3.65 26.01
C GLY A 449 -31.37 -4.77 26.32
N LEU A 450 -31.86 -5.83 26.92
CA LEU A 450 -31.00 -6.98 27.26
C LEU A 450 -30.36 -7.55 26.00
N SER A 451 -31.16 -7.84 24.98
CA SER A 451 -30.61 -8.42 23.76
C SER A 451 -29.61 -7.47 23.10
N ALA A 452 -29.94 -6.18 23.06
CA ALA A 452 -29.03 -5.20 22.48
C ALA A 452 -27.68 -5.23 23.19
N MET A 453 -27.70 -5.05 24.51
CA MET A 453 -26.44 -4.98 25.25
C MET A 453 -25.67 -6.29 25.18
N LEU A 454 -26.38 -7.42 25.20
CA LEU A 454 -25.70 -8.71 25.14
C LEU A 454 -25.02 -8.92 23.79
N LEU A 455 -25.73 -8.64 22.69
CA LEU A 455 -25.11 -8.78 21.39
C LEU A 455 -23.99 -7.76 21.20
N ALA A 456 -24.07 -6.61 21.86
CA ALA A 456 -22.96 -5.66 21.79
C ALA A 456 -21.73 -6.19 22.50
N PHE A 457 -21.91 -6.66 23.74
CA PHE A 457 -20.79 -7.29 24.45
C PHE A 457 -20.22 -8.45 23.66
N THR A 458 -21.08 -9.17 22.93
CA THR A 458 -20.61 -10.30 22.13
C THR A 458 -19.79 -9.82 20.93
N GLY A 459 -20.26 -8.78 20.25
CA GLY A 459 -19.47 -8.18 19.21
C GLY A 459 -18.17 -7.59 19.70
N VAL A 460 -18.09 -7.31 21.00
CA VAL A 460 -16.84 -6.82 21.58
C VAL A 460 -15.89 -7.98 21.85
N ILE A 461 -16.35 -9.00 22.57
CA ILE A 461 -15.50 -10.13 22.92
C ILE A 461 -15.25 -11.08 21.76
N ASN A 462 -15.90 -10.86 20.61
CA ASN A 462 -15.59 -11.63 19.41
C ASN A 462 -14.10 -11.68 19.15
N ALA A 463 -13.36 -10.65 19.54
CA ALA A 463 -11.94 -10.57 19.23
C ALA A 463 -11.17 -11.76 19.76
N SER A 464 -11.71 -12.48 20.74
CA SER A 464 -11.04 -13.65 21.30
C SER A 464 -11.27 -14.89 20.44
N THR A 465 -11.13 -14.73 19.12
CA THR A 465 -11.30 -15.83 18.19
C THR A 465 -10.06 -16.08 17.34
N THR A 466 -9.50 -15.03 16.74
CA THR A 466 -8.51 -15.21 15.67
C THR A 466 -7.34 -14.25 15.79
N HIS A 467 -6.49 -14.25 14.76
CA HIS A 467 -5.38 -13.31 14.64
C HIS A 467 -5.69 -12.17 13.69
N TYR A 468 -6.87 -12.17 13.06
CA TYR A 468 -7.30 -11.10 12.17
C TYR A 468 -8.61 -10.48 12.63
N ALA A 469 -9.05 -10.79 13.85
CA ALA A 469 -10.34 -10.32 14.32
C ALA A 469 -10.37 -8.81 14.45
N ASN A 470 -9.23 -8.19 14.71
CA ASN A 470 -9.18 -6.75 14.88
C ASN A 470 -7.72 -6.31 14.77
N GLY A 471 -7.46 -5.04 15.08
CA GLY A 471 -6.13 -4.49 14.99
C GLY A 471 -5.20 -5.02 16.06
N PRO A 472 -5.65 -4.97 17.32
CA PRO A 472 -4.79 -5.47 18.41
C PRO A 472 -4.38 -6.92 18.23
N ALA A 473 -5.28 -7.77 17.72
CA ALA A 473 -4.93 -9.16 17.51
C ALA A 473 -3.94 -9.31 16.37
N SER A 474 -4.23 -8.68 15.23
CA SER A 474 -3.31 -8.72 14.11
C SER A 474 -1.95 -8.15 14.46
N ILE A 475 -1.87 -7.32 15.49
CA ILE A 475 -0.59 -6.81 15.95
C ILE A 475 0.08 -7.83 16.86
N LEU A 476 -0.58 -8.19 17.95
CA LEU A 476 0.02 -8.92 19.04
C LEU A 476 0.16 -10.41 18.77
N ALA A 477 -0.45 -10.93 17.69
CA ALA A 477 -0.30 -12.33 17.35
C ALA A 477 0.88 -12.58 16.43
N THR A 478 1.27 -11.58 15.64
CA THR A 478 2.32 -11.74 14.65
C THR A 478 3.67 -11.23 15.12
N THR A 479 3.77 -10.77 16.38
CA THR A 479 5.03 -10.29 16.91
C THR A 479 5.99 -11.42 17.24
N GLY A 480 5.54 -12.67 17.18
CA GLY A 480 6.38 -13.80 17.47
C GLY A 480 6.43 -14.17 18.93
N TYR A 481 6.01 -13.28 19.83
CA TYR A 481 5.98 -13.62 21.24
C TYR A 481 5.00 -14.74 21.52
N VAL A 482 3.90 -14.80 20.78
CA VAL A 482 2.86 -15.79 20.97
C VAL A 482 2.60 -16.49 19.64
N LYS A 483 2.70 -17.81 19.64
CA LYS A 483 2.37 -18.60 18.47
C LYS A 483 0.91 -18.43 18.10
N GLN A 484 0.53 -19.00 16.96
CA GLN A 484 -0.85 -18.90 16.51
C GLN A 484 -1.72 -20.06 16.96
N SER A 485 -1.17 -21.27 17.05
CA SER A 485 -1.92 -22.38 17.60
C SER A 485 -2.32 -22.10 19.04
N GLU A 486 -1.35 -21.72 19.88
CA GLU A 486 -1.64 -21.35 21.26
C GLU A 486 -2.63 -20.19 21.29
N TRP A 487 -2.40 -19.18 20.45
CA TRP A 487 -3.30 -18.04 20.39
C TRP A 487 -4.73 -18.49 20.19
N TRP A 488 -4.98 -19.31 19.16
CA TRP A 488 -6.34 -19.72 18.85
C TRP A 488 -6.94 -20.56 19.96
N LYS A 489 -6.19 -21.53 20.48
CA LYS A 489 -6.73 -22.38 21.54
C LYS A 489 -7.10 -21.58 22.77
N MET A 490 -6.16 -20.79 23.29
CA MET A 490 -6.41 -20.04 24.51
C MET A 490 -7.50 -18.99 24.29
N ASN A 491 -7.58 -18.41 23.09
CA ASN A 491 -8.65 -17.46 22.81
C ASN A 491 -10.00 -18.15 22.75
N PHE A 492 -10.05 -19.39 22.26
CA PHE A 492 -11.29 -20.16 22.28
C PHE A 492 -11.76 -20.39 23.71
N ILE A 493 -10.84 -20.84 24.57
CA ILE A 493 -11.20 -21.09 25.97
C ILE A 493 -11.66 -19.79 26.63
N LEU A 494 -10.89 -18.71 26.44
CA LEU A 494 -11.23 -17.45 27.06
C LEU A 494 -12.50 -16.86 26.47
N GLY A 495 -12.87 -17.25 25.25
CA GLY A 495 -14.13 -16.81 24.71
C GLY A 495 -15.30 -17.53 25.35
N LEU A 496 -15.15 -18.83 25.57
CA LEU A 496 -16.14 -19.53 26.38
C LEU A 496 -16.31 -18.85 27.73
N ILE A 497 -15.20 -18.52 28.38
CA ILE A 497 -15.25 -17.90 29.70
C ILE A 497 -15.90 -16.53 29.62
N TYR A 498 -15.55 -15.74 28.61
CA TYR A 498 -16.13 -14.42 28.43
C TYR A 498 -17.62 -14.51 28.23
N MET A 499 -18.07 -15.46 27.41
CA MET A 499 -19.50 -15.61 27.17
C MET A 499 -20.22 -15.97 28.45
N VAL A 500 -19.69 -16.95 29.19
CA VAL A 500 -20.30 -17.28 30.48
C VAL A 500 -20.42 -16.04 31.34
N ILE A 501 -19.28 -15.36 31.57
CA ILE A 501 -19.26 -14.20 32.45
C ILE A 501 -20.30 -13.18 32.01
N PHE A 502 -20.12 -12.64 30.81
CA PHE A 502 -21.02 -11.60 30.35
C PHE A 502 -22.47 -12.06 30.38
N GLY A 503 -22.80 -13.12 29.64
CA GLY A 503 -24.15 -13.60 29.65
C GLY A 503 -24.74 -13.68 31.04
N ILE A 504 -24.24 -14.60 31.87
CA ILE A 504 -24.88 -14.84 33.16
C ILE A 504 -24.82 -13.59 34.04
N VAL A 505 -23.61 -13.13 34.36
CA VAL A 505 -23.46 -12.04 35.31
C VAL A 505 -24.17 -10.79 34.82
N GLY A 506 -23.85 -10.33 33.61
CA GLY A 506 -24.47 -9.14 33.09
C GLY A 506 -25.97 -9.25 32.96
N THR A 507 -26.50 -10.45 32.74
CA THR A 507 -27.95 -10.61 32.74
C THR A 507 -28.53 -10.39 34.13
N ILE A 508 -27.89 -10.97 35.15
CA ILE A 508 -28.33 -10.72 36.51
C ILE A 508 -28.23 -9.23 36.83
N TRP A 509 -27.18 -8.59 36.32
CA TRP A 509 -26.91 -7.19 36.63
C TRP A 509 -27.93 -6.28 35.96
N MET A 510 -28.27 -6.56 34.71
CA MET A 510 -29.27 -5.80 33.99
C MET A 510 -30.67 -6.04 34.54
N LYS A 511 -30.96 -7.25 35.02
CA LYS A 511 -32.21 -7.46 35.73
C LYS A 511 -32.24 -6.63 37.01
N ILE A 512 -31.09 -6.49 37.67
CA ILE A 512 -31.02 -5.67 38.87
C ILE A 512 -31.33 -4.22 38.54
N ILE A 513 -30.55 -3.63 37.64
CA ILE A 513 -30.71 -2.20 37.32
C ILE A 513 -31.66 -2.13 36.12
N GLY A 514 -32.95 -2.26 36.41
CA GLY A 514 -34.02 -1.72 35.59
C GLY A 514 -33.86 -1.78 34.08
N ILE A 515 -33.05 -2.70 33.55
CA ILE A 515 -32.85 -2.73 32.11
C ILE A 515 -33.98 -3.46 31.41
N TRP A 516 -34.60 -4.42 32.08
CA TRP A 516 -35.64 -5.23 31.47
C TRP A 516 -36.94 -4.45 31.35
N ALA B 28 20.88 2.90 21.81
CA ALA B 28 21.59 4.12 22.33
C ALA B 28 21.83 5.25 21.35
N MET B 29 20.78 6.00 21.05
CA MET B 29 20.83 7.09 20.09
C MET B 29 21.11 8.39 20.84
N LYS B 30 22.17 9.09 20.43
CA LYS B 30 22.58 10.32 21.09
C LYS B 30 22.15 11.56 20.31
N THR B 31 22.57 11.65 19.04
CA THR B 31 22.33 12.83 18.22
C THR B 31 21.30 12.53 17.15
N LEU B 32 20.46 13.52 16.85
CA LEU B 32 19.47 13.39 15.82
C LEU B 32 20.13 13.16 14.46
N GLU B 33 19.31 12.80 13.48
CA GLU B 33 19.80 12.58 12.13
C GLU B 33 19.96 13.93 11.41
N LYS B 34 20.78 13.91 10.35
CA LYS B 34 21.04 15.11 9.57
C LYS B 34 19.88 15.34 8.61
N VAL B 35 19.24 16.50 8.70
CA VAL B 35 18.13 16.88 7.84
C VAL B 35 18.49 18.17 7.12
N ASN B 36 18.13 18.25 5.85
CA ASN B 36 18.44 19.41 5.01
C ASN B 36 17.33 20.44 5.20
N TYR B 37 17.51 21.32 6.18
CA TYR B 37 16.49 22.33 6.45
C TYR B 37 16.50 23.44 5.42
N LYS B 38 17.65 23.71 4.81
CA LYS B 38 17.72 24.77 3.80
C LYS B 38 16.80 24.43 2.62
N GLY B 39 16.71 23.16 2.25
CA GLY B 39 15.85 22.75 1.17
C GLY B 39 14.38 23.00 1.39
N PHE B 40 13.99 23.42 2.60
CA PHE B 40 12.61 23.77 2.87
C PHE B 40 12.29 25.21 2.45
N ILE B 41 13.31 26.01 2.12
CA ILE B 41 13.07 27.41 1.84
C ILE B 41 12.30 27.58 0.54
N TRP B 42 12.86 27.10 -0.56
CA TRP B 42 12.21 27.32 -1.85
C TRP B 42 10.81 26.73 -1.90
N PRO B 43 10.58 25.48 -1.47
CA PRO B 43 9.21 24.96 -1.46
C PRO B 43 8.27 25.85 -0.67
N LEU B 44 8.56 26.01 0.63
CA LEU B 44 7.72 26.83 1.48
C LEU B 44 7.41 28.16 0.81
N ALA B 45 8.45 28.95 0.57
CA ALA B 45 8.28 30.25 -0.06
C ALA B 45 7.33 30.15 -1.24
N VAL B 46 7.64 29.27 -2.19
CA VAL B 46 6.80 29.14 -3.38
C VAL B 46 5.34 29.00 -2.98
N GLY B 47 5.05 27.95 -2.22
CA GLY B 47 3.71 27.71 -1.74
C GLY B 47 3.11 28.96 -1.19
N ILE B 48 3.76 29.52 -0.17
CA ILE B 48 3.24 30.71 0.50
C ILE B 48 2.85 31.76 -0.53
N VAL B 49 3.75 32.05 -1.45
CA VAL B 49 3.49 33.14 -2.39
C VAL B 49 2.23 32.82 -3.19
N LEU B 50 2.16 31.64 -3.78
CA LEU B 50 0.99 31.27 -4.56
C LEU B 50 -0.27 31.38 -3.70
N TRP B 51 -0.17 30.98 -2.43
CA TRP B 51 -1.32 31.07 -1.54
C TRP B 51 -1.77 32.50 -1.40
N LEU B 52 -0.84 33.42 -1.14
CA LEU B 52 -1.20 34.83 -1.02
C LEU B 52 -1.68 35.37 -2.35
N ILE B 53 -1.32 34.72 -3.45
CA ILE B 53 -1.76 35.13 -4.78
C ILE B 53 -3.18 34.65 -5.03
N THR B 54 -3.65 33.67 -4.27
CA THR B 54 -4.94 33.03 -4.49
C THR B 54 -6.06 34.01 -4.86
N PRO B 55 -6.31 35.07 -4.11
CA PRO B 55 -7.39 36.01 -4.49
C PRO B 55 -7.23 36.58 -5.88
N TRP B 56 -6.01 36.73 -6.37
CA TRP B 56 -5.74 37.23 -7.71
C TRP B 56 -5.52 36.08 -8.69
N ARG B 57 -6.19 34.96 -8.44
CA ARG B 57 -6.04 33.80 -9.31
C ARG B 57 -6.49 34.13 -10.72
N PRO B 58 -6.14 33.28 -11.70
CA PRO B 58 -6.35 33.65 -13.11
C PRO B 58 -7.79 33.91 -13.51
N GLY B 59 -8.74 33.59 -12.64
CA GLY B 59 -10.13 33.81 -12.96
C GLY B 59 -10.76 32.58 -13.58
N GLY B 60 -12.07 32.40 -13.36
CA GLY B 60 -12.73 31.18 -13.74
C GLY B 60 -12.24 29.95 -13.02
N LEU B 61 -11.39 30.12 -12.00
CA LEU B 61 -10.79 29.03 -11.27
C LEU B 61 -11.25 29.02 -9.82
N SER B 62 -11.16 27.86 -9.20
CA SER B 62 -11.62 27.65 -7.84
C SER B 62 -10.48 27.80 -6.85
N VAL B 63 -10.81 28.27 -5.65
CA VAL B 63 -9.80 28.47 -4.62
C VAL B 63 -9.09 27.17 -4.29
N GLN B 64 -9.86 26.10 -4.10
CA GLN B 64 -9.25 24.81 -3.79
C GLN B 64 -8.30 24.38 -4.89
N ALA B 65 -8.64 24.70 -6.14
CA ALA B 65 -7.79 24.32 -7.27
C ALA B 65 -6.44 25.01 -7.17
N TRP B 66 -6.43 26.32 -6.96
CA TRP B 66 -5.18 27.05 -6.86
C TRP B 66 -4.37 26.62 -5.64
N GLU B 67 -5.04 26.32 -4.53
CA GLU B 67 -4.32 25.84 -3.35
C GLU B 67 -3.67 24.49 -3.62
N MET B 68 -4.39 23.58 -4.26
CA MET B 68 -3.81 22.30 -4.63
C MET B 68 -2.65 22.47 -5.58
N PHE B 69 -2.78 23.40 -6.53
CA PHE B 69 -1.69 23.70 -7.45
C PHE B 69 -0.46 24.16 -6.69
N ALA B 70 -0.63 25.07 -5.74
CA ALA B 70 0.49 25.58 -4.96
C ALA B 70 1.16 24.45 -4.18
N ILE B 71 0.35 23.62 -3.52
CA ILE B 71 0.93 22.54 -2.72
C ILE B 71 1.66 21.55 -3.61
N PHE B 72 1.10 21.23 -4.77
CA PHE B 72 1.77 20.33 -5.70
C PHE B 72 3.10 20.90 -6.16
N VAL B 73 3.11 22.18 -6.53
CA VAL B 73 4.34 22.81 -7.02
C VAL B 73 5.40 22.82 -5.93
N ALA B 74 4.99 23.11 -4.69
CA ALA B 74 5.95 23.11 -3.59
C ALA B 74 6.47 21.70 -3.32
N THR B 75 5.61 20.69 -3.45
CA THR B 75 6.05 19.32 -3.28
C THR B 75 7.08 18.94 -4.33
N ILE B 76 6.89 19.41 -5.57
CA ILE B 76 7.85 19.11 -6.61
C ILE B 76 9.17 19.84 -6.36
N VAL B 77 9.10 21.11 -5.97
CA VAL B 77 10.32 21.83 -5.64
C VAL B 77 11.04 21.14 -4.49
N GLY B 78 10.30 20.49 -3.60
CA GLY B 78 10.94 19.74 -2.54
C GLY B 78 11.60 18.48 -3.05
N CYS B 79 10.90 17.72 -3.90
CA CYS B 79 11.52 16.59 -4.57
C CYS B 79 12.80 17.00 -5.28
N ILE B 80 12.89 18.28 -5.67
CA ILE B 80 14.10 18.79 -6.29
C ILE B 80 15.17 19.04 -5.24
N THR B 81 14.90 19.93 -4.28
CA THR B 81 15.89 20.32 -3.28
C THR B 81 16.20 19.21 -2.30
N LYS B 82 15.38 18.17 -2.22
CA LYS B 82 15.67 16.95 -1.49
C LYS B 82 15.85 17.17 0.01
N PRO B 83 14.91 17.83 0.68
CA PRO B 83 14.79 17.66 2.13
C PRO B 83 13.84 16.53 2.44
N LEU B 84 14.19 15.62 3.35
CA LEU B 84 13.30 14.49 3.58
C LEU B 84 13.10 13.75 2.27
N PRO B 85 14.06 12.90 1.87
CA PRO B 85 14.03 12.34 0.52
C PRO B 85 12.66 11.92 0.05
N ILE B 86 12.50 11.86 -1.27
CA ILE B 86 11.23 12.05 -1.95
C ILE B 86 10.07 11.41 -1.20
N GLY B 87 10.31 10.27 -0.56
CA GLY B 87 9.26 9.69 0.26
C GLY B 87 8.81 10.62 1.37
N GLY B 88 9.78 11.20 2.10
CA GLY B 88 9.44 12.06 3.22
C GLY B 88 8.73 13.33 2.79
N THR B 89 9.23 13.99 1.74
CA THR B 89 8.59 15.23 1.32
C THR B 89 7.23 14.96 0.68
N THR B 90 7.06 13.80 0.05
CA THR B 90 5.74 13.46 -0.47
C THR B 90 4.76 13.20 0.68
N LEU B 91 5.20 12.48 1.71
CA LEU B 91 4.36 12.31 2.89
C LEU B 91 4.00 13.65 3.50
N LEU B 92 4.96 14.57 3.55
CA LEU B 92 4.71 15.88 4.14
C LEU B 92 3.72 16.68 3.29
N GLY B 93 3.85 16.60 1.97
CA GLY B 93 2.90 17.29 1.11
C GLY B 93 1.50 16.72 1.23
N MET B 94 1.40 15.41 1.39
CA MET B 94 0.10 14.79 1.60
C MET B 94 -0.51 15.23 2.93
N VAL B 95 0.32 15.27 3.97
CA VAL B 95 -0.15 15.75 5.27
C VAL B 95 -0.69 17.18 5.15
N VAL B 96 0.08 18.07 4.51
CA VAL B 96 -0.38 19.44 4.35
C VAL B 96 -1.63 19.49 3.50
N THR B 97 -1.74 18.59 2.52
CA THR B 97 -2.95 18.53 1.70
C THR B 97 -4.17 18.22 2.56
N VAL B 98 -3.99 17.33 3.54
CA VAL B 98 -5.12 16.95 4.38
C VAL B 98 -5.38 17.99 5.45
N LEU B 99 -4.38 18.78 5.82
CA LEU B 99 -4.54 19.72 6.92
C LEU B 99 -5.32 20.95 6.51
N VAL B 100 -5.05 21.48 5.33
CA VAL B 100 -5.65 22.74 4.89
C VAL B 100 -6.98 22.48 4.19
N GLY B 101 -7.43 21.23 4.22
CA GLY B 101 -8.78 20.93 3.76
C GLY B 101 -8.93 20.79 2.27
N LEU B 102 -7.99 20.11 1.61
CA LEU B 102 -8.08 19.85 0.18
C LEU B 102 -8.36 18.39 -0.13
N ALA B 103 -8.21 17.50 0.84
CA ALA B 103 -8.40 16.09 0.63
C ALA B 103 -8.83 15.43 1.93
N PRO B 104 -9.77 14.50 1.90
CA PRO B 104 -10.08 13.70 3.08
C PRO B 104 -9.11 12.54 3.21
N VAL B 105 -9.31 11.75 4.26
CA VAL B 105 -8.50 10.55 4.49
C VAL B 105 -9.27 9.34 3.99
N LYS B 106 -10.60 9.39 4.12
CA LYS B 106 -11.47 8.33 3.65
C LYS B 106 -12.36 8.88 2.55
N ASP B 107 -12.62 8.05 1.54
CA ASP B 107 -13.41 8.48 0.40
C ASP B 107 -14.79 8.93 0.85
N VAL B 108 -15.21 10.10 0.35
CA VAL B 108 -16.52 10.65 0.64
C VAL B 108 -17.48 10.25 -0.47
N VAL B 109 -18.58 9.63 -0.10
CA VAL B 109 -19.54 9.10 -1.06
C VAL B 109 -20.78 10.00 -1.10
N ASN B 110 -21.50 9.93 -2.20
CA ASN B 110 -22.64 10.79 -2.47
C ASN B 110 -23.95 10.20 -1.96
N SER B 111 -23.91 9.13 -1.19
CA SER B 111 -25.07 8.38 -0.72
C SER B 111 -25.69 7.52 -1.81
N LYS B 112 -25.22 7.64 -3.06
CA LYS B 112 -25.61 6.75 -4.14
C LYS B 112 -24.51 5.80 -4.54
N GLY B 113 -23.41 5.74 -3.79
CA GLY B 113 -22.29 4.88 -4.05
C GLY B 113 -21.14 5.57 -4.76
N VAL B 114 -21.42 6.63 -5.51
CA VAL B 114 -20.38 7.30 -6.27
C VAL B 114 -19.40 7.94 -5.30
N VAL B 115 -18.11 7.91 -5.68
CA VAL B 115 -17.05 8.47 -4.86
C VAL B 115 -16.76 9.88 -5.40
N ILE B 116 -17.31 10.88 -4.73
CA ILE B 116 -17.14 12.26 -5.18
C ILE B 116 -15.83 12.87 -4.72
N GLN B 117 -15.18 12.28 -3.73
CA GLN B 117 -13.90 12.78 -3.24
C GLN B 117 -13.06 11.60 -2.77
N THR B 118 -11.85 11.50 -3.30
CA THR B 118 -10.93 10.44 -2.91
C THR B 118 -10.06 10.89 -1.74
N GLY B 119 -9.53 9.91 -1.03
CA GLY B 119 -8.73 10.16 0.15
C GLY B 119 -7.30 9.69 -0.01
N ILE B 120 -6.45 10.18 0.89
CA ILE B 120 -5.04 9.82 0.84
C ILE B 120 -4.82 8.33 1.00
N LEU B 121 -5.81 7.62 1.54
CA LEU B 121 -5.68 6.17 1.67
C LEU B 121 -6.08 5.46 0.39
N SER B 122 -7.02 6.04 -0.35
CA SER B 122 -7.42 5.50 -1.64
C SER B 122 -6.48 6.02 -2.72
N SER B 123 -5.18 5.90 -2.48
CA SER B 123 -4.16 6.27 -3.44
C SER B 123 -3.09 5.21 -3.59
N PHE B 124 -2.91 4.34 -2.59
CA PHE B 124 -1.96 3.25 -2.65
C PHE B 124 -2.54 2.01 -3.32
N GLY B 125 -3.80 2.07 -3.74
CA GLY B 125 -4.38 1.01 -4.54
C GLY B 125 -4.22 1.30 -6.02
N ASN B 126 -3.00 1.64 -6.41
CA ASN B 126 -2.68 2.02 -7.77
C ASN B 126 -1.96 0.89 -8.49
N SER B 127 -2.32 0.67 -9.74
CA SER B 127 -1.76 -0.46 -10.48
C SER B 127 -0.29 -0.22 -10.83
N ALA B 128 0.05 1.00 -11.25
CA ALA B 128 1.40 1.27 -11.70
C ALA B 128 2.41 1.12 -10.56
N ALA B 129 2.09 1.69 -9.40
CA ALA B 129 3.02 1.64 -8.28
C ALA B 129 3.24 0.21 -7.82
N TRP B 130 2.18 -0.58 -7.71
CA TRP B 130 2.32 -1.96 -7.27
C TRP B 130 3.05 -2.80 -8.29
N LEU B 131 2.79 -2.55 -9.58
CA LEU B 131 3.56 -3.21 -10.63
C LEU B 131 5.03 -2.91 -10.48
N ILE B 132 5.38 -1.64 -10.26
CA ILE B 132 6.78 -1.27 -10.16
C ILE B 132 7.41 -1.90 -8.92
N ALA B 133 6.68 -1.95 -7.82
CA ALA B 133 7.20 -2.58 -6.61
C ALA B 133 7.48 -4.05 -6.84
N MET B 134 6.51 -4.79 -7.36
CA MET B 134 6.71 -6.20 -7.64
C MET B 134 7.83 -6.41 -8.65
N ALA B 135 8.01 -5.46 -9.57
CA ALA B 135 9.11 -5.58 -10.52
C ALA B 135 10.46 -5.36 -9.83
N PHE B 136 10.53 -4.43 -8.88
CA PHE B 136 11.72 -4.30 -8.07
C PHE B 136 12.04 -5.59 -7.34
N ILE B 137 10.99 -6.26 -6.85
CA ILE B 137 11.20 -7.52 -6.12
C ILE B 137 11.72 -8.60 -7.06
N MET B 138 11.09 -8.72 -8.24
CA MET B 138 11.59 -9.67 -9.24
C MET B 138 13.04 -9.37 -9.61
N ALA B 139 13.39 -8.08 -9.70
CA ALA B 139 14.77 -7.72 -9.97
C ALA B 139 15.69 -8.16 -8.85
N HIS B 140 15.23 -8.04 -7.60
CA HIS B 140 16.01 -8.56 -6.48
C HIS B 140 16.24 -10.06 -6.63
N GLY B 141 15.22 -10.76 -7.09
CA GLY B 141 15.38 -12.19 -7.32
C GLY B 141 16.40 -12.49 -8.41
N ILE B 142 16.36 -11.69 -9.48
CA ILE B 142 17.30 -11.88 -10.58
C ILE B 142 18.72 -11.60 -10.12
N SER B 143 18.88 -10.63 -9.22
CA SER B 143 20.22 -10.29 -8.73
C SER B 143 20.71 -11.32 -7.72
N LYS B 144 19.80 -11.90 -6.94
CA LYS B 144 20.17 -12.89 -5.94
C LYS B 144 20.54 -14.22 -6.58
N THR B 145 19.77 -14.65 -7.58
CA THR B 145 20.04 -15.93 -8.22
C THR B 145 21.38 -15.96 -8.91
N GLY B 146 21.85 -14.82 -9.41
CA GLY B 146 23.01 -14.77 -10.27
C GLY B 146 22.69 -14.72 -11.74
N LEU B 147 21.44 -14.42 -12.10
CA LEU B 147 21.04 -14.41 -13.50
C LEU B 147 21.39 -13.07 -14.15
N GLY B 148 21.18 -11.98 -13.42
CA GLY B 148 21.48 -10.67 -13.97
C GLY B 148 22.93 -10.53 -14.38
N ASN B 149 23.85 -11.02 -13.55
CA ASN B 149 25.26 -10.89 -13.87
C ASN B 149 25.65 -11.76 -15.07
N ARG B 150 25.06 -12.95 -15.18
CA ARG B 150 25.31 -13.78 -16.36
C ARG B 150 24.84 -13.09 -17.63
N VAL B 151 23.60 -12.57 -17.60
CA VAL B 151 23.09 -11.81 -18.74
C VAL B 151 24.00 -10.62 -19.05
N ALA B 152 24.49 -9.95 -18.01
CA ALA B 152 25.34 -8.79 -18.22
C ALA B 152 26.62 -9.17 -18.94
N TYR B 153 27.28 -10.23 -18.47
CA TYR B 153 28.52 -10.64 -19.10
C TYR B 153 28.28 -11.16 -20.51
N VAL B 154 27.10 -11.73 -20.77
CA VAL B 154 26.77 -12.15 -22.12
C VAL B 154 26.66 -10.94 -23.04
N MET B 155 25.90 -9.92 -22.60
CA MET B 155 25.75 -8.73 -23.42
C MET B 155 27.06 -7.98 -23.58
N ILE B 156 27.95 -8.06 -22.59
CA ILE B 156 29.27 -7.46 -22.73
C ILE B 156 30.14 -8.23 -23.71
N GLU B 157 30.05 -9.57 -23.71
CA GLU B 157 30.76 -10.35 -24.71
C GLU B 157 30.26 -10.00 -26.11
N LYS B 158 28.96 -9.75 -26.25
CA LYS B 158 28.41 -9.49 -27.57
C LYS B 158 28.72 -8.07 -28.03
N PHE B 159 28.22 -7.07 -27.31
CA PHE B 159 28.43 -5.66 -27.66
C PHE B 159 28.97 -4.88 -26.47
N GLY B 160 30.01 -5.40 -25.82
CA GLY B 160 30.56 -4.75 -24.65
C GLY B 160 31.47 -3.60 -24.99
N LYS B 161 32.54 -3.86 -25.74
CA LYS B 161 33.43 -2.80 -26.19
C LYS B 161 32.60 -1.68 -26.82
N ARG B 162 33.11 -0.45 -26.70
CA ARG B 162 32.40 0.71 -27.23
C ARG B 162 31.02 0.83 -26.60
N SER B 163 31.03 1.16 -25.30
CA SER B 163 29.83 1.17 -24.47
C SER B 163 28.61 1.73 -25.18
N ILE B 164 28.81 2.66 -26.11
CA ILE B 164 27.70 3.10 -26.94
C ILE B 164 27.09 1.90 -27.66
N GLY B 165 27.90 0.88 -27.92
CA GLY B 165 27.35 -0.38 -28.42
C GLY B 165 26.35 -0.98 -27.45
N ILE B 166 26.68 -0.96 -26.15
CA ILE B 166 25.74 -1.47 -25.16
C ILE B 166 24.47 -0.63 -25.15
N GLY B 167 24.61 0.69 -25.26
CA GLY B 167 23.45 1.55 -25.29
C GLY B 167 22.56 1.29 -26.48
N TYR B 168 23.16 1.10 -27.65
CA TYR B 168 22.37 0.81 -28.83
C TYR B 168 21.75 -0.57 -28.78
N ALA B 169 22.42 -1.53 -28.13
CA ALA B 169 21.83 -2.86 -27.97
C ALA B 169 20.61 -2.82 -27.06
N ILE B 170 20.72 -2.12 -25.92
CA ILE B 170 19.56 -1.97 -25.05
C ILE B 170 18.45 -1.20 -25.77
N THR B 171 18.81 -0.21 -26.59
CA THR B 171 17.80 0.50 -27.36
C THR B 171 17.07 -0.44 -28.31
N GLY B 172 17.82 -1.27 -29.04
CA GLY B 172 17.18 -2.20 -29.95
C GLY B 172 16.34 -3.24 -29.24
N LEU B 173 16.80 -3.70 -28.08
CA LEU B 173 16.01 -4.64 -27.29
C LEU B 173 14.68 -4.02 -26.89
N GLU B 174 14.72 -2.80 -26.36
CA GLU B 174 13.49 -2.12 -26.00
C GLU B 174 12.59 -1.90 -27.21
N LEU B 175 13.18 -1.55 -28.35
CA LEU B 175 12.37 -1.36 -29.56
C LEU B 175 11.68 -2.66 -29.97
N MET B 176 12.39 -3.78 -29.94
CA MET B 176 11.77 -5.05 -30.29
C MET B 176 10.67 -5.43 -29.30
N MET B 177 10.90 -5.18 -28.01
CA MET B 177 9.89 -5.51 -27.01
C MET B 177 8.67 -4.59 -27.08
N GLY B 178 8.79 -3.42 -27.68
CA GLY B 178 7.65 -2.52 -27.76
C GLY B 178 6.48 -3.14 -28.50
N ALA B 179 6.76 -3.95 -29.52
CA ALA B 179 5.72 -4.52 -30.36
C ALA B 179 4.87 -5.56 -29.64
N LEU B 180 5.34 -6.08 -28.50
CA LEU B 180 4.66 -7.16 -27.81
C LEU B 180 4.14 -6.73 -26.45
N ILE B 181 5.01 -6.21 -25.58
CA ILE B 181 4.66 -5.80 -24.23
C ILE B 181 3.97 -4.44 -24.27
N PRO B 182 2.68 -4.35 -23.94
CA PRO B 182 1.99 -3.06 -24.05
C PRO B 182 2.11 -2.19 -22.81
N SER B 183 3.02 -2.54 -21.90
CA SER B 183 3.21 -1.77 -20.67
C SER B 183 4.66 -1.35 -20.58
N ASN B 184 4.91 -0.04 -20.64
CA ASN B 184 6.28 0.45 -20.55
C ASN B 184 6.88 0.21 -19.19
N SER B 185 6.09 0.36 -18.12
CA SER B 185 6.60 0.12 -16.78
C SER B 185 7.17 -1.29 -16.65
N ALA B 186 6.54 -2.26 -17.31
CA ALA B 186 7.05 -3.61 -17.30
C ALA B 186 8.32 -3.74 -18.13
N ARG B 187 8.26 -3.29 -19.40
CA ARG B 187 9.45 -3.29 -20.23
C ARG B 187 10.65 -2.69 -19.52
N THR B 188 10.41 -1.79 -18.56
CA THR B 188 11.52 -1.16 -17.85
C THR B 188 11.91 -1.93 -16.59
N GLY B 189 10.99 -2.08 -15.65
CA GLY B 189 11.32 -2.66 -14.36
C GLY B 189 11.47 -4.17 -14.36
N GLY B 190 11.15 -4.82 -15.48
CA GLY B 190 11.17 -6.26 -15.51
C GLY B 190 12.26 -6.84 -16.38
N VAL B 191 12.72 -6.07 -17.37
CA VAL B 191 13.66 -6.55 -18.38
C VAL B 191 14.92 -5.70 -18.43
N THR B 192 14.77 -4.41 -18.71
CA THR B 192 15.93 -3.58 -19.02
C THR B 192 16.52 -2.88 -17.80
N TRP B 193 15.74 -2.64 -16.77
CA TRP B 193 16.30 -2.06 -15.56
C TRP B 193 17.21 -3.09 -14.89
N PRO B 194 16.80 -4.35 -14.81
CA PRO B 194 17.73 -5.38 -14.33
C PRO B 194 19.00 -5.48 -15.16
N VAL B 195 18.87 -5.42 -16.48
CA VAL B 195 20.05 -5.50 -17.34
C VAL B 195 20.97 -4.30 -17.09
N VAL B 196 20.38 -3.11 -16.95
CA VAL B 196 21.17 -1.92 -16.67
C VAL B 196 21.91 -2.08 -15.34
N GLU B 197 21.18 -2.52 -14.31
CA GLU B 197 21.80 -2.69 -12.99
C GLU B 197 22.94 -3.69 -13.05
N SER B 198 22.74 -4.81 -13.76
CA SER B 198 23.77 -5.84 -13.82
C SER B 198 24.99 -5.36 -14.58
N ILE B 199 24.78 -4.73 -15.74
CA ILE B 199 25.92 -4.22 -16.50
C ILE B 199 26.66 -3.16 -15.72
N SER B 200 25.95 -2.35 -14.92
CA SER B 200 26.61 -1.35 -14.12
C SER B 200 27.40 -1.98 -12.98
N LYS B 201 26.85 -3.02 -12.36
CA LYS B 201 27.53 -3.68 -11.26
C LYS B 201 28.68 -4.55 -11.74
N SER B 202 28.73 -4.88 -13.03
CA SER B 202 29.89 -5.56 -13.58
C SER B 202 31.03 -4.60 -13.83
N TYR B 203 30.72 -3.33 -14.08
CA TYR B 203 31.71 -2.27 -14.21
C TYR B 203 32.03 -1.60 -12.88
N ASP B 204 31.42 -2.08 -11.79
CA ASP B 204 31.61 -1.49 -10.47
C ASP B 204 31.06 -0.06 -10.43
N SER B 205 29.86 0.11 -10.97
CA SER B 205 29.15 1.38 -10.98
C SER B 205 27.98 1.27 -10.01
N LYS B 206 28.18 1.76 -8.82
CA LYS B 206 27.16 1.70 -7.79
C LYS B 206 26.42 3.02 -7.70
N PRO B 207 25.16 3.01 -7.30
CA PRO B 207 24.38 4.25 -7.24
C PRO B 207 24.71 5.06 -5.99
N ASN B 208 24.24 6.31 -6.02
CA ASN B 208 24.47 7.25 -4.92
C ASN B 208 25.95 7.26 -4.52
N ASP B 209 26.81 7.28 -5.54
CA ASP B 209 28.25 7.18 -5.37
C ASP B 209 28.89 7.92 -6.54
N PRO B 210 30.04 8.57 -6.33
CA PRO B 210 30.75 9.16 -7.47
C PRO B 210 31.12 8.17 -8.55
N SER B 211 30.95 6.87 -8.30
CA SER B 211 31.20 5.83 -9.29
C SER B 211 29.98 5.53 -10.14
N ARG B 212 28.91 6.33 -10.02
CA ARG B 212 27.74 6.14 -10.87
C ARG B 212 27.98 6.60 -12.28
N LYS B 213 28.91 7.53 -12.48
CA LYS B 213 29.17 8.12 -13.78
C LYS B 213 29.94 7.21 -14.71
N LYS B 214 30.39 6.05 -14.24
CA LYS B 214 31.21 5.19 -15.06
C LYS B 214 30.43 4.72 -16.28
N ILE B 215 29.42 3.88 -16.07
CA ILE B 215 28.58 3.43 -17.18
C ILE B 215 27.11 3.39 -16.77
N GLY B 216 26.83 3.48 -15.47
CA GLY B 216 25.48 3.23 -15.00
C GLY B 216 24.51 4.34 -15.41
N ALA B 217 24.95 5.59 -15.28
CA ALA B 217 24.06 6.71 -15.54
C ALA B 217 23.72 6.81 -17.02
N TYR B 218 24.73 6.71 -17.88
CA TYR B 218 24.51 6.70 -19.32
C TYR B 218 23.49 5.64 -19.71
N LEU B 219 23.65 4.43 -19.17
CA LEU B 219 22.76 3.34 -19.52
C LEU B 219 21.35 3.56 -18.98
N ASP B 220 21.24 4.11 -17.76
CA ASP B 220 19.93 4.44 -17.21
C ASP B 220 19.19 5.42 -18.12
N PHE B 221 19.84 6.54 -18.43
CA PHE B 221 19.25 7.53 -19.33
C PHE B 221 18.88 6.92 -20.67
N MET B 222 19.78 6.15 -21.27
CA MET B 222 19.52 5.56 -22.57
C MET B 222 18.38 4.57 -22.51
N ALA B 223 18.23 3.84 -21.40
CA ALA B 223 17.11 2.94 -21.25
C ALA B 223 15.80 3.70 -21.22
N PHE B 224 15.77 4.79 -20.45
CA PHE B 224 14.56 5.60 -20.41
C PHE B 224 14.18 6.09 -21.80
N HIS B 225 15.16 6.61 -22.54
CA HIS B 225 14.82 7.20 -23.83
C HIS B 225 14.55 6.15 -24.89
N ALA B 226 15.12 4.95 -24.75
CA ALA B 226 14.75 3.86 -25.64
C ALA B 226 13.33 3.40 -25.35
N ASN B 227 12.92 3.41 -24.08
CA ASN B 227 11.53 3.14 -23.75
C ASN B 227 10.62 4.17 -24.41
N ILE B 228 11.05 5.43 -24.39
CA ILE B 228 10.30 6.48 -25.09
C ILE B 228 10.16 6.13 -26.56
N LEU B 229 11.28 5.80 -27.21
CA LEU B 229 11.25 5.53 -28.64
C LEU B 229 10.35 4.35 -28.97
N SER B 230 10.45 3.28 -28.18
CA SER B 230 9.59 2.12 -28.42
C SER B 230 8.13 2.45 -28.21
N THR B 231 7.81 3.23 -27.17
CA THR B 231 6.44 3.69 -26.99
C THR B 231 5.96 4.48 -28.20
N ALA B 232 6.87 5.22 -28.84
CA ALA B 232 6.48 6.06 -29.96
C ALA B 232 6.34 5.27 -31.25
N LEU B 233 7.06 4.15 -31.37
CA LEU B 233 7.09 3.42 -32.62
C LEU B 233 5.84 2.55 -32.79
N PHE B 234 5.42 1.88 -31.73
CA PHE B 234 4.30 0.97 -31.77
C PHE B 234 3.13 1.52 -30.95
N ILE B 235 1.95 1.52 -31.54
CA ILE B 235 0.76 1.96 -30.83
C ILE B 235 0.42 1.04 -29.67
N THR B 236 0.97 -0.16 -29.66
CA THR B 236 0.84 -1.09 -28.54
C THR B 236 2.04 -0.98 -27.60
N GLY B 237 2.61 0.21 -27.50
CA GLY B 237 3.74 0.44 -26.63
C GLY B 237 3.36 1.07 -25.32
N ALA B 238 2.11 1.52 -25.20
CA ALA B 238 1.63 2.12 -23.98
C ALA B 238 0.15 2.42 -24.12
N ALA B 239 -0.47 2.77 -23.00
CA ALA B 239 -1.89 3.07 -22.94
C ALA B 239 -2.24 4.39 -23.61
N PRO B 240 -1.55 5.49 -23.28
CA PRO B 240 -1.92 6.78 -23.89
C PRO B 240 -2.05 6.73 -25.39
N ASN B 241 -1.27 5.89 -26.06
CA ASN B 241 -1.43 5.72 -27.50
C ASN B 241 -2.78 5.12 -27.83
N LEU B 242 -3.23 4.15 -27.03
CA LEU B 242 -4.56 3.58 -27.22
C LEU B 242 -5.63 4.63 -26.95
N VAL B 243 -5.41 5.49 -25.96
CA VAL B 243 -6.37 6.56 -25.69
C VAL B 243 -6.46 7.49 -26.89
N ALA B 244 -5.32 7.86 -27.46
CA ALA B 244 -5.30 8.68 -28.65
C ALA B 244 -6.04 7.99 -29.79
N GLN B 245 -5.89 6.66 -29.89
CA GLN B 245 -6.61 5.91 -30.91
C GLN B 245 -8.12 6.05 -30.72
N GLN B 246 -8.60 5.80 -29.50
CA GLN B 246 -10.02 5.91 -29.22
C GLN B 246 -10.53 7.31 -29.55
N MET B 247 -9.78 8.34 -29.17
CA MET B 247 -10.21 9.70 -29.43
C MET B 247 -10.28 9.98 -30.93
N ALA B 248 -9.18 9.72 -31.64
CA ALA B 248 -9.17 9.96 -33.08
C ALA B 248 -10.29 9.20 -33.77
N ALA B 249 -10.65 8.01 -33.27
CA ALA B 249 -11.81 7.32 -33.79
C ALA B 249 -13.09 8.07 -33.44
N GLN B 250 -13.13 8.72 -32.28
CA GLN B 250 -14.29 9.53 -31.92
C GLN B 250 -14.48 10.67 -32.90
N LYS B 251 -13.38 11.21 -33.44
CA LYS B 251 -13.44 12.36 -34.32
C LYS B 251 -13.35 12.00 -35.80
N GLY B 252 -13.25 10.72 -36.13
CA GLY B 252 -13.27 10.28 -37.51
C GLY B 252 -11.93 9.97 -38.12
N TYR B 253 -10.96 9.50 -37.33
CA TYR B 253 -9.64 9.12 -37.83
C TYR B 253 -9.25 7.81 -37.16
N GLN B 254 -9.09 6.76 -37.97
CA GLN B 254 -8.83 5.42 -37.45
C GLN B 254 -7.33 5.15 -37.48
N MET B 255 -6.67 5.29 -36.33
CA MET B 255 -5.29 4.88 -36.20
C MET B 255 -5.20 3.36 -36.22
N SER B 256 -4.23 2.84 -36.96
CA SER B 256 -4.01 1.41 -37.07
C SER B 256 -2.54 1.09 -36.83
N TRP B 257 -2.29 -0.15 -36.40
CA TRP B 257 -0.94 -0.56 -36.07
C TRP B 257 0.02 -0.33 -37.23
N VAL B 258 -0.47 -0.50 -38.47
CA VAL B 258 0.41 -0.35 -39.63
C VAL B 258 0.58 1.12 -39.99
N SER B 259 -0.47 1.93 -39.82
CA SER B 259 -0.36 3.35 -40.15
C SER B 259 0.54 4.08 -39.17
N TRP B 260 0.27 3.91 -37.87
CA TRP B 260 1.12 4.50 -36.85
C TRP B 260 2.58 4.11 -37.07
N PHE B 261 2.83 2.84 -37.40
CA PHE B 261 4.19 2.38 -37.60
C PHE B 261 4.82 3.00 -38.84
N TRP B 262 4.09 3.02 -39.95
CA TRP B 262 4.65 3.57 -41.18
C TRP B 262 4.87 5.07 -41.05
N ALA B 263 4.17 5.72 -40.13
CA ALA B 263 4.38 7.16 -39.93
C ALA B 263 5.49 7.45 -38.93
N ALA B 264 5.66 6.60 -37.92
CA ALA B 264 6.66 6.82 -36.89
C ALA B 264 7.99 6.14 -37.19
N LEU B 265 8.07 5.38 -38.28
CA LEU B 265 9.32 4.72 -38.62
C LEU B 265 10.45 5.74 -38.81
N VAL B 266 10.28 6.66 -39.75
CA VAL B 266 11.33 7.59 -40.14
C VAL B 266 11.76 8.43 -38.95
N PRO B 267 10.86 9.19 -38.33
CA PRO B 267 11.27 9.99 -37.16
C PRO B 267 11.92 9.17 -36.07
N VAL B 268 11.46 7.93 -35.87
CA VAL B 268 12.05 7.12 -34.81
C VAL B 268 13.44 6.65 -35.21
N LEU B 269 13.69 6.43 -36.50
CA LEU B 269 15.05 6.11 -36.93
C LEU B 269 15.96 7.31 -36.74
N VAL B 270 15.49 8.50 -37.13
CA VAL B 270 16.27 9.71 -36.91
C VAL B 270 16.59 9.86 -35.43
N ALA B 271 15.63 9.61 -34.56
CA ALA B 271 15.86 9.72 -33.14
C ALA B 271 16.84 8.66 -32.66
N THR B 272 16.65 7.40 -33.06
CA THR B 272 17.59 6.35 -32.70
C THR B 272 19.01 6.72 -33.09
N VAL B 273 19.17 7.44 -34.19
CA VAL B 273 20.51 7.77 -34.67
C VAL B 273 21.07 8.99 -33.93
N ILE B 274 20.20 9.92 -33.54
CA ILE B 274 20.64 11.20 -32.99
C ILE B 274 20.68 11.17 -31.47
N ILE B 275 19.53 10.92 -30.85
CA ILE B 275 19.42 11.05 -29.40
C ILE B 275 20.54 10.31 -28.68
N PRO B 276 20.82 9.03 -28.97
CA PRO B 276 21.96 8.40 -28.30
C PRO B 276 23.26 9.14 -28.51
N LEU B 277 23.47 9.72 -29.70
CA LEU B 277 24.71 10.42 -29.95
C LEU B 277 24.83 11.68 -29.10
N VAL B 278 23.76 12.46 -28.99
CA VAL B 278 23.82 13.66 -28.18
C VAL B 278 23.88 13.33 -26.70
N ILE B 279 23.35 12.18 -26.29
CA ILE B 279 23.52 11.76 -24.90
C ILE B 279 24.96 11.35 -24.64
N TYR B 280 25.58 10.66 -25.60
CA TYR B 280 26.97 10.26 -25.47
C TYR B 280 27.91 11.46 -25.53
N LYS B 281 27.47 12.55 -26.17
CA LYS B 281 28.29 13.75 -26.25
C LYS B 281 28.03 14.69 -25.07
N MET B 282 26.85 14.60 -24.46
CA MET B 282 26.45 15.48 -23.38
C MET B 282 26.60 14.84 -22.01
N TYR B 283 26.37 13.53 -21.93
CA TYR B 283 26.43 12.78 -20.67
C TYR B 283 27.27 11.54 -20.91
N PRO B 284 28.55 11.72 -21.19
CA PRO B 284 29.36 10.62 -21.69
C PRO B 284 29.59 9.55 -20.65
N PRO B 285 29.78 8.30 -21.08
CA PRO B 285 30.07 7.21 -20.15
C PRO B 285 31.52 7.12 -19.76
N GLU B 286 31.89 7.75 -18.64
CA GLU B 286 33.29 7.94 -18.24
C GLU B 286 34.19 6.76 -18.64
N VAL B 287 33.68 5.54 -18.55
CA VAL B 287 34.37 4.36 -19.07
C VAL B 287 33.88 4.16 -20.50
N LYS B 288 34.63 4.67 -21.47
CA LYS B 288 34.18 4.70 -22.85
C LYS B 288 34.60 3.48 -23.66
N GLU B 289 35.70 2.81 -23.28
CA GLU B 289 36.27 1.76 -24.10
C GLU B 289 36.60 0.56 -23.23
N THR B 290 36.33 -0.64 -23.77
CA THR B 290 36.65 -1.90 -23.11
C THR B 290 37.24 -2.82 -24.17
N PRO B 291 38.55 -2.74 -24.41
CA PRO B 291 39.12 -3.45 -25.57
C PRO B 291 39.13 -4.96 -25.41
N ASN B 292 39.01 -5.49 -24.21
CA ASN B 292 39.08 -6.93 -23.96
C ASN B 292 37.83 -7.44 -23.25
N ALA B 293 36.66 -7.02 -23.73
CA ALA B 293 35.41 -7.43 -23.10
C ALA B 293 35.18 -8.93 -23.26
N LYS B 294 35.60 -9.49 -24.39
CA LYS B 294 35.33 -10.90 -24.67
C LYS B 294 36.00 -11.80 -23.66
N ASN B 295 37.32 -11.67 -23.50
CA ASN B 295 38.05 -12.54 -22.60
C ASN B 295 37.59 -12.34 -21.16
N TRP B 296 37.30 -11.11 -20.77
CA TRP B 296 36.85 -10.83 -19.41
C TRP B 296 35.51 -11.49 -19.13
N ALA B 297 34.56 -11.32 -20.05
CA ALA B 297 33.25 -11.95 -19.88
C ALA B 297 33.36 -13.47 -19.85
N ASP B 298 34.17 -14.04 -20.73
CA ASP B 298 34.35 -15.50 -20.72
C ASP B 298 34.94 -15.97 -19.40
N ASP B 299 35.96 -15.27 -18.91
CA ASP B 299 36.57 -15.63 -17.63
C ASP B 299 35.54 -15.59 -16.52
N LYS B 300 34.76 -14.51 -16.44
CA LYS B 300 33.80 -14.38 -15.35
C LYS B 300 32.71 -15.44 -15.46
N LEU B 301 32.21 -15.69 -16.67
CA LEU B 301 31.20 -16.72 -16.84
C LEU B 301 31.72 -18.08 -16.39
N LYS B 302 32.85 -18.51 -16.95
CA LYS B 302 33.42 -19.80 -16.55
C LYS B 302 33.66 -19.86 -15.05
N GLU B 303 34.05 -18.74 -14.44
CA GLU B 303 34.18 -18.69 -12.99
C GLU B 303 32.84 -18.78 -12.29
N MET B 304 31.74 -18.50 -12.99
CA MET B 304 30.42 -18.63 -12.41
C MET B 304 29.88 -20.05 -12.50
N GLY B 305 30.63 -20.96 -13.11
CA GLY B 305 30.21 -22.34 -13.22
C GLY B 305 28.98 -22.49 -14.09
N PRO B 306 28.57 -23.73 -14.34
CA PRO B 306 27.35 -23.96 -15.11
C PRO B 306 26.14 -23.29 -14.48
N ILE B 307 25.06 -23.23 -15.25
CA ILE B 307 23.85 -22.58 -14.78
C ILE B 307 23.21 -23.43 -13.69
N SER B 308 22.62 -22.77 -12.71
CA SER B 308 22.10 -23.44 -11.52
C SER B 308 20.59 -23.59 -11.59
N LYS B 309 20.05 -24.28 -10.59
CA LYS B 309 18.62 -24.58 -10.52
C LYS B 309 17.80 -23.34 -10.18
N PRO B 310 18.16 -22.57 -9.16
CA PRO B 310 17.41 -21.33 -8.90
C PRO B 310 17.44 -20.38 -10.07
N GLU B 311 18.57 -20.30 -10.79
CA GLU B 311 18.63 -19.46 -11.98
C GLU B 311 17.67 -19.97 -13.05
N LYS B 312 17.61 -21.29 -13.24
CA LYS B 312 16.69 -21.85 -14.22
C LYS B 312 15.25 -21.55 -13.85
N ILE B 313 14.92 -21.63 -12.56
CA ILE B 313 13.55 -21.36 -12.13
C ILE B 313 13.21 -19.89 -12.31
N MET B 314 14.15 -19.00 -11.99
CA MET B 314 13.90 -17.59 -12.20
C MET B 314 13.75 -17.27 -13.67
N ALA B 315 14.53 -17.94 -14.52
CA ALA B 315 14.37 -17.76 -15.96
C ALA B 315 13.00 -18.23 -16.42
N THR B 316 12.54 -19.36 -15.90
CA THR B 316 11.21 -19.85 -16.26
C THR B 316 10.14 -18.86 -15.84
N VAL B 317 10.22 -18.35 -14.62
CA VAL B 317 9.24 -17.39 -14.14
C VAL B 317 9.29 -16.12 -14.97
N PHE B 318 10.49 -15.66 -15.32
CA PHE B 318 10.61 -14.45 -16.14
C PHE B 318 9.99 -14.67 -17.51
N CYS B 319 10.29 -15.78 -18.17
CA CYS B 319 9.69 -16.06 -19.46
C CYS B 319 8.19 -16.18 -19.36
N LEU B 320 7.67 -16.75 -18.28
CA LEU B 320 6.23 -16.84 -18.09
C LEU B 320 5.61 -15.46 -17.95
N ALA B 321 6.25 -14.59 -17.17
CA ALA B 321 5.73 -13.24 -17.01
C ALA B 321 5.75 -12.49 -18.33
N ILE B 322 6.82 -12.65 -19.11
CA ILE B 322 6.91 -12.00 -20.41
C ILE B 322 5.81 -12.53 -21.33
N LEU B 323 5.53 -13.83 -21.26
CA LEU B 323 4.49 -14.41 -22.08
C LEU B 323 3.11 -13.85 -21.70
N LEU B 324 2.84 -13.77 -20.40
CA LEU B 324 1.57 -13.19 -19.97
C LEU B 324 1.48 -11.73 -20.39
N TRP B 325 2.59 -11.00 -20.33
CA TRP B 325 2.56 -9.59 -20.71
C TRP B 325 2.28 -9.42 -22.19
N VAL B 326 2.87 -10.28 -23.03
CA VAL B 326 2.62 -10.16 -24.47
C VAL B 326 1.23 -10.68 -24.83
N LEU B 327 0.67 -11.61 -24.06
CA LEU B 327 -0.70 -12.04 -24.29
C LEU B 327 -1.69 -10.99 -23.82
N SER B 328 -1.31 -10.16 -22.85
CA SER B 328 -2.19 -9.12 -22.34
C SER B 328 -2.59 -8.11 -23.41
N GLY B 329 -1.97 -8.15 -24.59
CA GLY B 329 -2.35 -7.23 -25.64
C GLY B 329 -3.47 -7.73 -26.51
N PHE B 330 -3.60 -9.05 -26.65
CA PHE B 330 -4.66 -9.65 -27.43
C PHE B 330 -5.87 -10.05 -26.58
N PHE B 331 -5.65 -10.46 -25.34
CA PHE B 331 -6.71 -10.85 -24.43
C PHE B 331 -6.73 -9.88 -23.25
N LYS B 332 -7.79 -9.09 -23.15
CA LYS B 332 -8.00 -8.20 -22.00
C LYS B 332 -8.73 -9.00 -20.95
N ILE B 333 -7.99 -9.42 -19.92
CA ILE B 333 -8.51 -10.33 -18.91
C ILE B 333 -7.90 -9.97 -17.57
N PRO B 334 -8.67 -9.93 -16.48
CA PRO B 334 -8.09 -9.54 -15.18
C PRO B 334 -6.87 -10.36 -14.80
N GLN B 335 -6.80 -11.61 -15.23
CA GLN B 335 -5.66 -12.46 -14.94
C GLN B 335 -4.38 -11.99 -15.64
N LEU B 336 -4.47 -10.97 -16.48
CA LEU B 336 -3.32 -10.47 -17.25
C LEU B 336 -3.23 -8.95 -17.16
N ASP B 337 -3.42 -8.39 -15.97
CA ASP B 337 -3.50 -6.94 -15.81
C ASP B 337 -2.14 -6.28 -15.89
N SER B 338 -1.06 -7.04 -16.06
CA SER B 338 0.29 -6.49 -16.17
C SER B 338 0.82 -6.08 -14.80
N ALA B 339 -0.01 -6.16 -13.77
CA ALA B 339 0.41 -6.04 -12.38
C ALA B 339 0.16 -7.31 -11.59
N PHE B 340 -1.03 -7.89 -11.76
CA PHE B 340 -1.27 -9.22 -11.22
C PHE B 340 -0.24 -10.22 -11.73
N VAL B 341 0.31 -9.98 -12.92
CA VAL B 341 1.36 -10.85 -13.43
C VAL B 341 2.60 -10.74 -12.56
N ALA B 342 2.93 -9.54 -12.11
CA ALA B 342 4.07 -9.38 -11.21
C ALA B 342 3.78 -10.00 -9.85
N PHE B 343 2.57 -9.80 -9.34
CA PHE B 343 2.16 -10.48 -8.11
C PHE B 343 2.32 -11.98 -8.25
N LEU B 344 1.95 -12.53 -9.41
CA LEU B 344 1.98 -13.96 -9.63
C LEU B 344 3.41 -14.47 -9.74
N ALA B 345 4.27 -13.72 -10.43
CA ALA B 345 5.67 -14.11 -10.49
C ALA B 345 6.31 -14.10 -9.11
N VAL B 346 6.03 -13.07 -8.31
CA VAL B 346 6.54 -13.02 -6.95
C VAL B 346 6.03 -14.20 -6.14
N THR B 347 4.73 -14.50 -6.26
CA THR B 347 4.16 -15.64 -5.55
C THR B 347 4.85 -16.94 -5.96
N LEU B 348 5.15 -17.09 -7.25
CA LEU B 348 5.83 -18.29 -7.71
C LEU B 348 7.24 -18.37 -7.14
N LEU B 349 7.94 -17.25 -7.10
CA LEU B 349 9.27 -17.24 -6.50
C LEU B 349 9.21 -17.58 -5.01
N LEU B 350 8.11 -17.21 -4.35
CA LEU B 350 7.96 -17.53 -2.94
C LEU B 350 7.70 -19.01 -2.75
N ILE B 351 6.72 -19.57 -3.47
CA ILE B 351 6.38 -20.97 -3.30
C ILE B 351 7.43 -21.89 -3.91
N THR B 352 8.40 -21.34 -4.63
CA THR B 352 9.42 -22.15 -5.27
C THR B 352 10.73 -22.17 -4.50
N GLY B 353 11.09 -21.06 -3.87
CA GLY B 353 12.24 -21.01 -2.98
C GLY B 353 13.26 -19.94 -3.31
N VAL B 354 13.35 -19.47 -4.56
CA VAL B 354 14.40 -18.53 -4.91
C VAL B 354 14.20 -17.16 -4.28
N LEU B 355 13.09 -16.94 -3.59
CA LEU B 355 12.79 -15.65 -2.97
C LEU B 355 11.95 -15.89 -1.73
N SER B 356 12.53 -15.64 -0.57
CA SER B 356 11.77 -15.71 0.68
C SER B 356 10.86 -14.49 0.79
N MET B 357 10.18 -14.38 1.92
CA MET B 357 9.35 -13.21 2.17
C MET B 357 10.16 -12.08 2.81
N GLU B 358 11.12 -12.41 3.66
CA GLU B 358 12.01 -11.38 4.20
C GLU B 358 12.81 -10.72 3.10
N ASP B 359 13.13 -11.47 2.04
CA ASP B 359 13.84 -10.88 0.91
C ASP B 359 13.00 -9.86 0.19
N ALA B 360 11.67 -10.05 0.21
CA ALA B 360 10.75 -9.12 -0.43
C ALA B 360 10.29 -8.02 0.50
N LEU B 361 10.52 -8.15 1.80
CA LEU B 361 10.02 -7.16 2.75
C LEU B 361 10.98 -6.00 2.91
N HIS B 362 12.29 -6.26 2.97
CA HIS B 362 13.28 -5.20 3.11
C HIS B 362 13.88 -4.82 1.77
N GLU B 363 13.09 -4.92 0.70
CA GLU B 363 13.41 -4.31 -0.59
C GLU B 363 12.81 -2.90 -0.56
N THR B 364 13.59 -1.95 -0.05
CA THR B 364 13.05 -0.63 0.26
C THR B 364 12.49 0.06 -0.97
N GLY B 365 13.23 0.05 -2.08
CA GLY B 365 12.80 0.77 -3.26
C GLY B 365 11.34 0.55 -3.60
N ALA B 366 10.87 -0.69 -3.43
CA ALA B 366 9.48 -1.00 -3.74
C ALA B 366 8.53 -0.15 -2.92
N TRP B 367 8.72 -0.12 -1.60
CA TRP B 367 7.81 0.61 -0.73
C TRP B 367 7.99 2.12 -0.87
N ASN B 368 9.22 2.58 -1.09
CA ASN B 368 9.44 4.00 -1.30
C ASN B 368 8.71 4.49 -2.54
N ILE B 369 8.84 3.74 -3.64
CA ILE B 369 8.17 4.16 -4.87
C ILE B 369 6.67 4.04 -4.73
N LEU B 370 6.19 2.95 -4.13
CA LEU B 370 4.77 2.89 -3.78
C LEU B 370 4.33 4.19 -3.13
N ILE B 371 4.96 4.54 -2.01
CA ILE B 371 4.56 5.72 -1.24
C ILE B 371 4.52 6.94 -2.15
N TRP B 372 5.67 7.31 -2.71
CA TRP B 372 5.77 8.65 -3.30
C TRP B 372 5.07 8.73 -4.64
N LEU B 373 5.13 7.67 -5.46
CA LEU B 373 4.39 7.69 -6.71
C LEU B 373 2.90 7.72 -6.47
N SER B 374 2.40 6.92 -5.52
CA SER B 374 0.98 6.97 -5.21
C SER B 374 0.56 8.35 -4.76
N ILE B 375 1.36 8.98 -3.91
CA ILE B 375 0.99 10.30 -3.40
C ILE B 375 0.99 11.32 -4.53
N LEU B 376 1.99 11.29 -5.40
CA LEU B 376 2.04 12.25 -6.49
C LEU B 376 0.87 12.06 -7.44
N ILE B 377 0.53 10.80 -7.75
CA ILE B 377 -0.62 10.55 -8.62
C ILE B 377 -1.89 11.05 -7.98
N PHE B 378 -2.02 10.87 -6.66
CA PHE B 378 -3.21 11.35 -5.97
C PHE B 378 -3.32 12.87 -6.05
N MET B 379 -2.20 13.57 -5.84
CA MET B 379 -2.24 15.02 -5.89
C MET B 379 -2.54 15.53 -7.29
N ALA B 380 -1.99 14.85 -8.31
CA ALA B 380 -2.32 15.24 -9.68
C ALA B 380 -3.79 14.98 -10.00
N GLY B 381 -4.33 13.86 -9.52
CA GLY B 381 -5.75 13.62 -9.69
C GLY B 381 -6.59 14.69 -9.01
N LYS B 382 -6.13 15.19 -7.87
CA LYS B 382 -6.83 16.28 -7.21
C LYS B 382 -6.73 17.56 -8.03
N LEU B 383 -5.60 17.75 -8.70
CA LEU B 383 -5.48 18.88 -9.62
C LEU B 383 -6.46 18.76 -10.77
N ILE B 384 -6.71 17.53 -11.22
CA ILE B 384 -7.60 17.33 -12.36
C ILE B 384 -9.06 17.46 -11.96
N SER B 385 -9.40 17.01 -10.75
CA SER B 385 -10.79 17.01 -10.32
C SER B 385 -11.27 18.39 -9.89
N TYR B 386 -10.40 19.17 -9.24
CA TYR B 386 -10.78 20.48 -8.73
C TYR B 386 -11.00 21.51 -9.83
N GLY B 387 -10.79 21.14 -11.09
CA GLY B 387 -11.06 22.05 -12.19
C GLY B 387 -9.90 22.93 -12.59
N PHE B 388 -8.69 22.38 -12.66
CA PHE B 388 -7.53 23.14 -13.11
C PHE B 388 -7.25 22.88 -14.58
N ILE B 389 -7.11 21.60 -14.94
CA ILE B 389 -6.81 21.24 -16.32
C ILE B 389 -7.93 21.66 -17.24
N ALA B 390 -9.18 21.51 -16.79
CA ALA B 390 -10.31 21.90 -17.64
C ALA B 390 -10.30 23.39 -17.90
N TRP B 391 -9.93 24.19 -16.88
CA TRP B 391 -9.85 25.62 -17.10
C TRP B 391 -8.71 25.96 -18.05
N PHE B 392 -7.57 25.28 -17.91
CA PHE B 392 -6.47 25.50 -18.85
C PHE B 392 -6.93 25.20 -20.28
N ALA B 393 -7.67 24.12 -20.47
CA ALA B 393 -8.13 23.75 -21.79
C ALA B 393 -9.10 24.79 -22.34
N LYS B 394 -10.03 25.26 -21.52
CA LYS B 394 -10.95 26.30 -21.98
C LYS B 394 -10.21 27.59 -22.29
N PHE B 395 -9.19 27.91 -21.51
CA PHE B 395 -8.37 29.09 -21.77
C PHE B 395 -7.71 28.98 -23.13
N ILE B 396 -7.11 27.84 -23.42
CA ILE B 396 -6.48 27.64 -24.73
C ILE B 396 -7.53 27.71 -25.83
N GLN B 397 -8.72 27.16 -25.58
CA GLN B 397 -9.76 27.14 -26.59
C GLN B 397 -10.30 28.53 -26.89
N SER B 398 -10.24 29.43 -25.91
CA SER B 398 -10.78 30.78 -26.07
C SER B 398 -9.72 31.83 -26.34
N GLU B 399 -8.43 31.48 -26.27
CA GLU B 399 -7.37 32.45 -26.48
C GLU B 399 -6.96 32.55 -27.95
N VAL B 400 -6.48 31.45 -28.52
CA VAL B 400 -6.01 31.43 -29.90
C VAL B 400 -7.23 31.33 -30.81
N HIS B 401 -7.49 32.40 -31.57
CA HIS B 401 -8.66 32.47 -32.44
C HIS B 401 -8.31 32.60 -33.91
N GLY B 402 -7.51 33.60 -34.28
CA GLY B 402 -7.13 33.77 -35.67
C GLY B 402 -5.65 33.61 -35.92
N ILE B 403 -5.26 32.47 -36.50
CA ILE B 403 -3.87 32.19 -36.83
C ILE B 403 -3.83 31.16 -37.95
N ASN B 404 -2.75 31.16 -38.72
CA ASN B 404 -2.48 30.06 -39.63
C ASN B 404 -2.24 28.79 -38.84
N TRP B 405 -2.87 27.70 -39.28
CA TRP B 405 -2.91 26.49 -38.46
C TRP B 405 -1.52 25.94 -38.14
N GLY B 406 -0.48 26.41 -38.83
CA GLY B 406 0.87 25.95 -38.51
C GLY B 406 1.32 26.42 -37.14
N LEU B 407 1.19 27.73 -36.87
CA LEU B 407 1.52 28.24 -35.55
C LEU B 407 0.59 27.68 -34.50
N VAL B 408 -0.67 27.42 -34.85
CA VAL B 408 -1.60 26.81 -33.91
C VAL B 408 -1.09 25.43 -33.50
N LEU B 409 -0.68 24.62 -34.48
CA LEU B 409 -0.17 23.30 -34.15
C LEU B 409 1.12 23.38 -33.35
N VAL B 410 1.99 24.33 -33.69
CA VAL B 410 3.21 24.52 -32.92
C VAL B 410 2.87 24.80 -31.46
N VAL B 411 1.95 25.73 -31.23
CA VAL B 411 1.58 26.11 -29.87
C VAL B 411 0.94 24.93 -29.15
N LEU B 412 0.09 24.17 -29.84
CA LEU B 412 -0.58 23.05 -29.20
C LEU B 412 0.39 21.95 -28.82
N ILE B 413 1.37 21.68 -29.69
CA ILE B 413 2.40 20.71 -29.36
C ILE B 413 3.20 21.18 -28.16
N LEU B 414 3.58 22.46 -28.13
CA LEU B 414 4.36 22.97 -27.02
C LEU B 414 3.59 22.86 -25.71
N LEU B 415 2.29 23.17 -25.74
CA LEU B 415 1.49 23.12 -24.53
C LEU B 415 1.26 21.68 -24.08
N MET B 416 0.89 20.80 -25.01
CA MET B 416 0.73 19.39 -24.68
C MET B 416 2.04 18.77 -24.22
N PHE B 417 3.18 19.39 -24.55
CA PHE B 417 4.45 18.92 -24.04
C PHE B 417 4.68 19.39 -22.61
N TYR B 418 4.61 20.70 -22.40
CA TYR B 418 5.00 21.29 -21.13
C TYR B 418 3.85 21.36 -20.12
N THR B 419 2.72 20.73 -20.40
CA THR B 419 1.69 20.53 -19.39
C THR B 419 1.85 19.23 -18.63
N HIS B 420 2.67 18.31 -19.13
CA HIS B 420 2.87 17.04 -18.46
C HIS B 420 3.70 17.18 -17.20
N TYR B 421 4.24 18.38 -16.93
CA TYR B 421 4.84 18.64 -15.64
C TYR B 421 3.81 18.64 -14.53
N PHE B 422 2.54 18.81 -14.88
CA PHE B 422 1.44 18.83 -13.91
C PHE B 422 0.64 17.53 -13.91
N PHE B 423 1.18 16.48 -14.52
CA PHE B 423 0.54 15.17 -14.51
C PHE B 423 1.58 14.13 -14.11
N ALA B 424 1.09 12.94 -13.76
CA ALA B 424 1.96 11.84 -13.35
C ALA B 424 1.53 10.50 -13.92
N SER B 425 0.45 10.45 -14.71
CA SER B 425 -0.05 9.19 -15.25
C SER B 425 0.37 9.00 -16.70
N GLY B 426 0.05 9.97 -17.56
CA GLY B 426 0.20 9.85 -18.99
C GLY B 426 -1.09 9.48 -19.70
N THR B 427 -2.02 8.85 -19.00
CA THR B 427 -3.34 8.55 -19.53
C THR B 427 -4.34 9.64 -19.19
N ALA B 428 -4.30 10.15 -17.95
CA ALA B 428 -5.13 11.29 -17.60
C ALA B 428 -4.81 12.48 -18.48
N HIS B 429 -3.53 12.73 -18.71
CA HIS B 429 -3.11 13.82 -19.59
C HIS B 429 -3.84 13.75 -20.93
N MET B 430 -3.84 12.58 -21.55
CA MET B 430 -4.48 12.44 -22.85
C MET B 430 -5.99 12.58 -22.73
N THR B 431 -6.62 11.77 -21.88
CA THR B 431 -8.06 11.86 -21.69
C THR B 431 -8.52 13.29 -21.48
N ALA B 432 -7.67 14.14 -20.90
CA ALA B 432 -8.07 15.50 -20.57
C ALA B 432 -7.78 16.49 -21.69
N LEU B 433 -6.64 16.37 -22.36
CA LEU B 433 -6.17 17.42 -23.25
C LEU B 433 -5.98 17.00 -24.71
N TYR B 434 -6.26 15.75 -25.09
CA TYR B 434 -6.02 15.35 -26.46
C TYR B 434 -7.17 15.78 -27.36
N LEU B 435 -8.40 15.57 -26.92
CA LEU B 435 -9.57 15.88 -27.74
C LEU B 435 -9.78 17.39 -27.85
N PRO B 436 -9.60 18.16 -26.78
CA PRO B 436 -9.75 19.61 -26.91
C PRO B 436 -8.74 20.24 -27.86
N PHE B 437 -7.46 19.92 -27.70
CA PHE B 437 -6.44 20.50 -28.57
C PHE B 437 -6.60 20.04 -30.00
N LEU B 438 -6.90 18.75 -30.19
CA LEU B 438 -7.17 18.25 -31.54
C LEU B 438 -8.36 18.98 -32.16
N THR B 439 -9.36 19.28 -31.34
CA THR B 439 -10.53 20.01 -31.83
C THR B 439 -10.15 21.41 -32.27
N VAL B 440 -9.37 22.11 -31.45
CA VAL B 440 -8.95 23.47 -31.81
C VAL B 440 -8.14 23.44 -33.10
N ALA B 441 -7.23 22.47 -33.21
CA ALA B 441 -6.43 22.35 -34.42
C ALA B 441 -7.32 22.15 -35.64
N THR B 442 -8.21 21.15 -35.60
CA THR B 442 -9.05 20.88 -36.74
C THR B 442 -10.00 22.04 -37.03
N ALA B 443 -10.28 22.87 -36.03
CA ALA B 443 -11.15 24.03 -36.23
C ALA B 443 -10.41 25.24 -36.77
N MET B 444 -9.07 25.28 -36.62
CA MET B 444 -8.27 26.37 -37.15
C MET B 444 -7.76 26.06 -38.56
N GLY B 445 -8.30 25.03 -39.20
CA GLY B 445 -7.96 24.67 -40.56
C GLY B 445 -7.03 23.49 -40.69
N ALA B 446 -6.33 23.13 -39.62
CA ALA B 446 -5.37 22.05 -39.69
C ALA B 446 -6.06 20.74 -40.13
N PRO B 447 -5.34 19.87 -40.82
CA PRO B 447 -5.91 18.56 -41.14
C PRO B 447 -6.01 17.68 -39.90
N LEU B 448 -6.82 16.63 -40.02
CA LEU B 448 -7.18 15.81 -38.86
C LEU B 448 -6.13 14.77 -38.54
N GLY B 449 -5.69 14.01 -39.55
CA GLY B 449 -4.72 12.96 -39.30
C GLY B 449 -3.40 13.51 -38.79
N LEU B 450 -2.93 14.58 -39.40
CA LEU B 450 -1.67 15.19 -38.98
C LEU B 450 -1.74 15.63 -37.52
N SER B 451 -2.77 16.37 -37.15
CA SER B 451 -2.90 16.84 -35.78
C SER B 451 -3.01 15.68 -34.81
N ALA B 452 -3.79 14.66 -35.18
CA ALA B 452 -3.95 13.50 -34.32
C ALA B 452 -2.61 12.84 -34.05
N MET B 453 -1.89 12.49 -35.12
CA MET B 453 -0.63 11.78 -34.95
C MET B 453 0.40 12.63 -34.24
N LEU B 454 0.42 13.95 -34.52
CA LEU B 454 1.39 14.81 -33.87
C LEU B 454 1.13 14.92 -32.38
N LEU B 455 -0.12 15.14 -31.98
CA LEU B 455 -0.44 15.20 -30.56
C LEU B 455 -0.22 13.86 -29.89
N ALA B 456 -0.36 12.75 -30.63
CA ALA B 456 -0.06 11.45 -30.05
C ALA B 456 1.44 11.30 -29.79
N PHE B 457 2.25 11.60 -30.78
CA PHE B 457 3.70 11.58 -30.57
C PHE B 457 4.10 12.51 -29.44
N THR B 458 3.39 13.62 -29.27
CA THR B 458 3.71 14.55 -28.20
C THR B 458 3.34 13.96 -26.85
N GLY B 459 2.17 13.33 -26.75
CA GLY B 459 1.81 12.61 -25.54
C GLY B 459 2.75 11.46 -25.23
N VAL B 460 3.47 10.99 -26.24
CA VAL B 460 4.45 9.94 -26.03
C VAL B 460 5.74 10.52 -25.48
N ILE B 461 6.30 11.53 -26.18
CA ILE B 461 7.57 12.13 -25.77
C ILE B 461 7.44 13.04 -24.56
N ASN B 462 6.21 13.29 -24.09
CA ASN B 462 6.03 14.03 -22.85
C ASN B 462 6.92 13.50 -21.73
N ALA B 463 7.20 12.19 -21.75
CA ALA B 463 7.95 11.57 -20.67
C ALA B 463 9.30 12.23 -20.44
N SER B 464 9.82 12.95 -21.42
CA SER B 464 11.11 13.63 -21.28
C SER B 464 10.95 14.96 -20.57
N THR B 465 10.19 14.97 -19.48
CA THR B 465 9.98 16.17 -18.67
C THR B 465 10.42 15.98 -17.22
N THR B 466 9.99 14.90 -16.57
CA THR B 466 10.09 14.81 -15.12
C THR B 466 10.55 13.44 -14.64
N HIS B 467 10.51 13.24 -13.32
CA HIS B 467 10.79 11.95 -12.71
C HIS B 467 9.52 11.20 -12.31
N TYR B 468 8.35 11.80 -12.54
CA TYR B 468 7.07 11.16 -12.26
C TYR B 468 6.20 11.09 -13.50
N ALA B 469 6.76 11.36 -14.67
CA ALA B 469 5.97 11.42 -15.89
C ALA B 469 5.39 10.07 -16.24
N ASN B 470 6.07 8.99 -15.85
CA ASN B 470 5.59 7.65 -16.17
C ASN B 470 6.33 6.66 -15.27
N GLY B 471 6.16 5.37 -15.55
CA GLY B 471 6.77 4.33 -14.76
C GLY B 471 8.26 4.25 -14.96
N PRO B 472 8.70 4.20 -16.23
CA PRO B 472 10.15 4.13 -16.49
C PRO B 472 10.92 5.28 -15.89
N ALA B 473 10.37 6.49 -15.90
CA ALA B 473 11.08 7.62 -15.31
C ALA B 473 11.11 7.51 -13.80
N SER B 474 9.97 7.24 -13.18
CA SER B 474 9.93 7.05 -11.74
C SER B 474 10.83 5.92 -11.27
N ILE B 475 11.14 4.98 -12.15
CA ILE B 475 12.09 3.92 -11.83
C ILE B 475 13.51 4.41 -11.98
N LEU B 476 13.87 4.84 -13.18
CA LEU B 476 15.25 5.08 -13.57
C LEU B 476 15.81 6.39 -13.05
N ALA B 477 14.96 7.26 -12.49
CA ALA B 477 15.45 8.51 -11.92
C ALA B 477 15.80 8.39 -10.45
N THR B 478 15.17 7.45 -9.74
CA THR B 478 15.35 7.30 -8.31
C THR B 478 16.34 6.20 -7.95
N THR B 479 16.96 5.55 -8.94
CA THR B 479 17.93 4.51 -8.67
C THR B 479 19.26 5.06 -8.18
N GLY B 480 19.45 6.38 -8.21
CA GLY B 480 20.67 6.99 -7.77
C GLY B 480 21.75 7.09 -8.82
N TYR B 481 21.62 6.33 -9.91
CA TYR B 481 22.59 6.43 -11.00
C TYR B 481 22.57 7.80 -11.64
N VAL B 482 21.40 8.43 -11.70
CA VAL B 482 21.23 9.74 -12.33
C VAL B 482 20.55 10.66 -11.34
N LYS B 483 21.18 11.80 -11.08
CA LYS B 483 20.59 12.82 -10.23
C LYS B 483 19.30 13.34 -10.87
N GLN B 484 18.59 14.19 -10.11
CA GLN B 484 17.34 14.75 -10.60
C GLN B 484 17.52 16.08 -11.30
N SER B 485 18.46 16.92 -10.85
CA SER B 485 18.75 18.14 -11.57
C SER B 485 19.22 17.85 -12.99
N GLU B 486 20.23 16.97 -13.11
CA GLU B 486 20.70 16.55 -14.43
C GLU B 486 19.56 15.92 -15.22
N TRP B 487 18.79 15.05 -14.58
CA TRP B 487 17.66 14.43 -15.24
C TRP B 487 16.76 15.46 -15.89
N TRP B 488 16.32 16.45 -15.10
CA TRP B 488 15.38 17.44 -15.61
C TRP B 488 16.00 18.28 -16.73
N LYS B 489 17.24 18.75 -16.53
CA LYS B 489 17.86 19.59 -17.55
C LYS B 489 18.00 18.83 -18.87
N MET B 490 18.62 17.65 -18.82
CA MET B 490 18.86 16.89 -20.04
C MET B 490 17.56 16.46 -20.68
N ASN B 491 16.54 16.15 -19.89
CA ASN B 491 15.25 15.79 -20.45
C ASN B 491 14.59 16.99 -21.11
N PHE B 492 14.78 18.19 -20.57
CA PHE B 492 14.27 19.40 -21.22
C PHE B 492 14.92 19.59 -22.59
N ILE B 493 16.24 19.47 -22.64
CA ILE B 493 16.95 19.63 -23.91
C ILE B 493 16.49 18.56 -24.90
N LEU B 494 16.45 17.31 -24.45
CA LEU B 494 16.04 16.23 -25.34
C LEU B 494 14.58 16.33 -25.73
N GLY B 495 13.77 17.01 -24.94
CA GLY B 495 12.39 17.24 -25.34
C GLY B 495 12.29 18.28 -26.42
N LEU B 496 13.08 19.35 -26.33
CA LEU B 496 13.18 20.27 -27.46
C LEU B 496 13.60 19.53 -28.72
N ILE B 497 14.61 18.66 -28.60
CA ILE B 497 15.10 17.93 -29.77
C ILE B 497 14.03 16.99 -30.30
N TYR B 498 13.33 16.29 -29.41
CA TYR B 498 12.27 15.38 -29.82
C TYR B 498 11.17 16.12 -30.55
N MET B 499 10.78 17.29 -30.03
CA MET B 499 9.73 18.05 -30.67
C MET B 499 10.17 18.49 -32.06
N VAL B 500 11.38 19.03 -32.18
CA VAL B 500 11.88 19.39 -33.50
C VAL B 500 11.81 18.20 -34.44
N ILE B 501 12.42 17.08 -34.04
CA ILE B 501 12.47 15.90 -34.90
C ILE B 501 11.08 15.49 -35.32
N PHE B 502 10.24 15.12 -34.36
CA PHE B 502 8.91 14.63 -34.70
C PHE B 502 8.16 15.65 -35.52
N GLY B 503 7.93 16.85 -34.98
CA GLY B 503 7.21 17.85 -35.73
C GLY B 503 7.69 17.96 -37.16
N ILE B 504 8.92 18.44 -37.37
CA ILE B 504 9.37 18.73 -38.73
C ILE B 504 9.41 17.46 -39.57
N VAL B 505 10.23 16.49 -39.17
CA VAL B 505 10.44 15.30 -39.99
C VAL B 505 9.14 14.57 -40.22
N GLY B 506 8.43 14.20 -39.15
CA GLY B 506 7.19 13.48 -39.30
C GLY B 506 6.14 14.23 -40.09
N THR B 507 6.16 15.56 -40.05
CA THR B 507 5.24 16.31 -40.89
C THR B 507 5.60 16.15 -42.36
N ILE B 508 6.89 16.25 -42.69
CA ILE B 508 7.31 15.98 -44.07
C ILE B 508 6.92 14.57 -44.47
N TRP B 509 7.07 13.63 -43.54
CA TRP B 509 6.84 12.22 -43.83
C TRP B 509 5.36 11.94 -44.06
N MET B 510 4.50 12.54 -43.24
CA MET B 510 3.07 12.39 -43.39
C MET B 510 2.54 13.11 -44.62
N LYS B 511 3.16 14.23 -45.00
CA LYS B 511 2.82 14.84 -46.28
C LYS B 511 3.22 13.92 -47.42
N ILE B 512 4.34 13.21 -47.27
CA ILE B 512 4.77 12.26 -48.29
C ILE B 512 3.73 11.15 -48.43
N ILE B 513 3.48 10.42 -47.35
CA ILE B 513 2.56 9.27 -47.40
C ILE B 513 1.18 9.79 -47.06
N GLY B 514 0.53 10.40 -48.05
CA GLY B 514 -0.92 10.50 -48.11
C GLY B 514 -1.69 10.71 -46.83
N ILE B 515 -1.07 11.27 -45.79
CA ILE B 515 -1.79 11.44 -44.54
C ILE B 515 -2.67 12.68 -44.56
N TRP B 516 -2.27 13.69 -45.32
CA TRP B 516 -3.00 14.95 -45.34
C TRP B 516 -4.29 14.81 -46.14
C1 HEX C . -7.40 -24.59 -17.50
C2 HEX C . -8.43 -25.66 -17.77
C3 HEX C . -7.78 -26.76 -18.59
C4 HEX C . -8.78 -27.90 -18.69
C5 HEX C . -8.26 -28.97 -19.62
C6 HEX C . -7.32 -29.86 -18.85
H11 HEX C . -7.10 -24.18 -18.32
H12 HEX C . -7.73 -23.90 -16.91
H13 HEX C . -6.61 -24.98 -17.10
H21 HEX C . -8.79 -26.01 -16.94
H22 HEX C . -9.19 -25.31 -18.25
H31 HEX C . -7.53 -26.42 -19.47
H32 HEX C . -6.94 -27.05 -18.22
H41 HEX C . -8.98 -28.26 -17.80
H42 HEX C . -9.63 -27.57 -18.99
H51 HEX C . -9.00 -29.47 -19.98
H52 HEX C . -7.83 -28.57 -20.41
H61 HEX C . -7.01 -30.60 -19.39
H62 HEX C . -6.55 -29.36 -18.53
H63 HEX C . -7.76 -30.22 -18.07
C1 HEX D . 4.72 21.65 11.46
C2 HEX D . 5.76 21.01 12.36
C3 HEX D . 6.78 22.05 12.74
C4 HEX D . 7.95 21.35 13.39
C5 HEX D . 9.24 21.92 12.85
C6 HEX D . 10.37 21.49 13.74
H11 HEX D . 5.11 22.24 10.81
H12 HEX D . 4.18 20.99 10.99
H13 HEX D . 4.11 22.21 11.98
H21 HEX D . 5.36 20.63 13.14
H22 HEX D . 6.20 20.27 11.91
H31 HEX D . 7.06 22.55 11.96
H32 HEX D . 6.42 22.73 13.32
H41 HEX D . 7.91 21.43 14.35
H42 HEX D . 7.92 20.40 13.24
H51 HEX D . 9.38 21.59 11.95
H52 HEX D . 9.19 22.88 12.75
H61 HEX D . 11.23 21.66 13.33
H62 HEX D . 10.34 21.96 14.59
H63 HEX D . 10.31 20.55 13.94
C1 HEX E . -12.83 -26.65 13.14
C2 HEX E . -11.40 -26.99 13.49
C3 HEX E . -11.40 -28.11 14.49
C4 HEX E . -9.97 -28.51 14.76
C5 HEX E . -9.77 -28.76 16.24
C6 HEX E . -10.57 -29.97 16.66
H11 HEX E . -12.89 -25.79 12.70
H12 HEX E . -13.24 -27.32 12.58
H13 HEX E . -13.36 -26.56 13.94
H21 HEX E . -10.91 -27.24 12.70
H22 HEX E . -10.93 -26.23 13.84
H31 HEX E . -11.85 -27.83 15.30
H32 HEX E . -11.93 -28.87 14.21
H41 HEX E . -9.72 -29.27 14.22
H42 HEX E . -9.37 -27.82 14.46
H51 HEX E . -8.82 -28.90 16.43
H52 HEX E . -9.99 -27.99 16.77
H61 HEX E . -11.52 -29.85 16.51
H62 HEX E . -10.28 -30.77 16.18
H63 HEX E . -10.44 -30.17 17.60
C1 HEX F . -11.56 -20.14 9.50
C2 HEX F . -12.44 -21.22 10.06
C3 HEX F . -11.63 -22.51 10.18
C4 HEX F . -12.63 -23.64 10.27
C5 HEX F . -12.73 -24.38 8.94
C6 HEX F . -14.16 -24.85 8.77
H11 HEX F . -10.73 -20.49 9.16
H12 HEX F . -12.00 -19.66 8.79
H13 HEX F . -11.32 -19.51 10.18
H21 HEX F . -12.77 -20.97 10.93
H22 HEX F . -13.21 -21.37 9.52
H31 HEX F . -11.05 -22.60 9.42
H32 HEX F . -11.03 -22.50 10.93
H41 HEX F . -12.40 -24.24 11.00
H42 HEX F . -13.50 -23.31 10.53
H51 HEX F . -12.47 -23.80 8.22
H52 HEX F . -12.11 -25.13 8.90
H61 HEX F . -14.30 -25.25 7.89
H62 HEX F . -14.41 -25.48 9.44
H63 HEX F . -14.78 -24.10 8.85
C1 D10 G . -12.21 -17.22 -19.21
C2 D10 G . -11.16 -17.12 -18.12
C3 D10 G . -9.90 -17.82 -18.56
C4 D10 G . -8.84 -17.60 -17.52
C5 D10 G . -7.77 -18.62 -17.77
C6 D10 G . -6.67 -18.43 -16.75
C7 D10 G . -5.88 -17.21 -17.18
C8 D10 G . -4.41 -17.56 -17.22
C9 D10 G . -3.88 -17.49 -15.81
C10 D10 G . -2.40 -17.80 -15.84
H11 D10 G . -12.43 -18.15 -19.40
H12 D10 G . -13.03 -16.76 -18.97
H13 D10 G . -11.89 -16.83 -20.03
H21 D10 G . -10.98 -16.20 -17.89
H22 D10 G . -11.48 -17.51 -17.29
H31 D10 G . -10.04 -18.75 -18.70
H32 D10 G . -9.59 -17.49 -19.42
H41 D10 G . -8.47 -16.70 -17.53
H42 D10 G . -9.20 -17.69 -16.63
H51 D10 G . -8.13 -19.52 -17.71
H52 D10 G . -7.43 -18.57 -18.67
H61 D10 G . -7.03 -18.33 -15.86
H62 D10 G . -6.11 -19.21 -16.70
H71 D10 G . -6.18 -16.88 -18.03
H72 D10 G . -6.04 -16.48 -16.57
H81 D10 G . -4.28 -18.42 -17.61
H82 D10 G . -3.94 -16.95 -17.80
H91 D10 G . -4.05 -16.64 -15.42
H92 D10 G . -4.35 -18.12 -15.25
H101 D10 G . -1.97 -17.38 -16.58
H102 D10 G . -1.97 -17.49 -15.03
H103 D10 G . -2.23 -18.75 -15.89
C1 D10 H . -8.91 -24.78 -6.93
C2 D10 H . -8.89 -24.07 -5.60
C3 D10 H . -8.15 -24.92 -4.59
C4 D10 H . -8.19 -24.21 -3.26
C5 D10 H . -7.18 -23.09 -3.29
C6 D10 H . -6.24 -23.27 -2.14
C7 D10 H . -5.59 -21.94 -1.88
C8 D10 H . -4.28 -22.17 -1.17
C9 D10 H . -3.97 -20.95 -0.36
C10 D10 H . -2.80 -21.24 0.53
H11 D10 H . -9.11 -25.72 -6.82
H12 D10 H . -9.56 -24.42 -7.53
H13 D10 H . -8.05 -24.71 -7.37
H21 D10 H . -8.48 -23.20 -5.66
H22 D10 H . -9.79 -23.89 -5.29
H31 D10 H . -8.55 -25.79 -4.50
H32 D10 H . -7.25 -25.09 -4.85
H41 D10 H . -9.07 -23.86 -3.06
H42 D10 H . -8.01 -24.82 -2.54
H51 D10 H . -6.70 -23.08 -4.12
H52 D10 H . -7.61 -22.24 -3.26
H61 D10 H . -6.70 -23.59 -1.36
H62 D10 H . -5.58 -23.95 -2.32
H71 D10 H . -5.46 -21.46 -2.70
H72 D10 H . -6.18 -21.37 -1.37
H81 D10 H . -4.34 -22.96 -0.61
H82 D10 H . -3.59 -22.39 -1.79
H91 D10 H . -3.78 -20.20 -0.95
H92 D10 H . -4.73 -20.67 0.14
H101 D10 H . -2.94 -22.06 1.02
H102 D10 H . -1.99 -21.35 0.02
H103 D10 H . -2.64 -20.54 1.16
C1 D10 I . -0.79 -27.99 13.22
C2 D10 I . -1.95 -28.76 12.65
C3 D10 I . -2.96 -27.80 12.07
C4 D10 I . -4.19 -28.58 11.70
C5 D10 I . -5.19 -27.59 11.16
C6 D10 I . -6.40 -28.36 10.71
C7 D10 I . -7.40 -27.35 10.21
C8 D10 I . -8.56 -28.10 9.61
C9 D10 I . -9.74 -27.16 9.56
C10 D10 I . -10.90 -27.89 8.94
H11 D10 I . -0.16 -27.72 12.52
H12 D10 I . -1.08 -27.19 13.68
H13 D10 I . -0.29 -28.52 13.86
H21 D10 I . -1.67 -29.39 11.97
H22 D10 I . -2.37 -29.31 13.32
H31 D10 I . -3.19 -27.11 12.69
H32 D10 I . -2.61 -27.32 11.30
H41 D10 I . -4.01 -29.27 11.04
H42 D10 I . -4.55 -29.05 12.46
H51 D10 I . -5.43 -26.94 11.83
H52 D10 I . -4.82 -27.06 10.45
H61 D10 I . -6.17 -28.99 10.01
H62 D10 I . -6.76 -28.89 11.42
H71 D10 I . -7.69 -26.77 10.93
H72 D10 I . -6.99 -26.75 9.57
H81 D10 I . -8.33 -28.43 8.73
H82 D10 I . -8.75 -28.90 10.13
H91 D10 I . -9.95 -26.85 10.44
H92 D10 I . -9.51 -26.37 9.06
H101 D10 I . -11.66 -27.30 8.79
H102 D10 I . -10.66 -28.28 8.09
H103 D10 I . -11.19 -28.62 9.49
C1 OCT J . 2.19 -27.41 -4.23
C2 OCT J . 2.11 -25.92 -4.45
C3 OCT J . 0.70 -25.50 -4.77
C4 OCT J . 0.55 -23.99 -4.77
C5 OCT J . -0.91 -23.58 -4.58
C6 OCT J . -1.66 -23.64 -5.91
C7 OCT J . -3.11 -23.23 -5.72
C8 OCT J . -3.94 -23.65 -6.92
H11 OCT J . 1.65 -27.71 -3.49
H12 OCT J . 1.89 -27.90 -5.01
H13 OCT J . 3.09 -27.71 -4.04
H21 OCT J . 2.43 -25.45 -3.67
H22 OCT J . 2.72 -25.65 -5.15
H31 OCT J . 0.44 -25.85 -5.63
H32 OCT J . 0.08 -25.90 -4.16
H41 OCT J . 1.09 -23.60 -4.08
H42 OCT J . 0.89 -23.62 -5.58
H51 OCT J . -1.34 -24.15 -3.93
H52 OCT J . -0.96 -22.69 -4.20
H61 OCT J . -1.23 -23.08 -6.56
H62 OCT J . -1.61 -24.53 -6.27
H71 OCT J . -3.47 -23.62 -4.92
H72 OCT J . -3.17 -22.28 -5.58
H81 OCT J . -4.80 -23.20 -6.94
H82 OCT J . -3.50 -23.46 -7.76
H83 OCT J . -4.14 -24.60 -6.92
C1 OCT K . -13.92 -22.83 15.49
C2 OCT K . -12.41 -23.02 15.40
C3 OCT K . -11.86 -23.64 16.67
C4 OCT K . -10.46 -23.15 16.99
C5 OCT K . -9.56 -24.29 17.46
C6 OCT K . -10.13 -24.97 18.70
C7 OCT K . -9.11 -25.90 19.34
C8 OCT K . -9.68 -26.53 20.59
H11 OCT K . -14.15 -22.02 15.96
H12 OCT K . -14.33 -22.75 14.61
H13 OCT K . -14.35 -23.55 15.94
H21 OCT K . -12.18 -23.57 14.63
H22 OCT K . -11.98 -22.18 15.22
H31 OCT K . -12.46 -23.44 17.41
H32 OCT K . -11.88 -24.60 16.61
H41 OCT K . -10.07 -22.72 16.22
H42 OCT K . -10.49 -22.46 17.66
H51 OCT K . -9.45 -24.94 16.76
H52 OCT K . -8.67 -23.97 17.63
H61 OCT K . -10.42 -24.30 19.33
H62 OCT K . -10.93 -25.45 18.48
H71 OCT K . -8.84 -26.59 18.72
H72 OCT K . -8.29 -25.43 19.54
H81 OCT K . -10.56 -26.89 20.46
H82 OCT K . -9.13 -27.26 20.93
H83 OCT K . -9.76 -25.90 21.33
C1 OCT L . -27.20 -26.67 6.03
C2 OCT L . -26.21 -26.10 7.02
C3 OCT L . -24.86 -25.86 6.35
C4 OCT L . -24.14 -24.65 6.94
C5 OCT L . -22.80 -24.45 6.24
C6 OCT L . -22.43 -22.97 6.17
C7 OCT L . -21.97 -22.44 7.53
C8 OCT L . -20.49 -22.69 7.71
H11 OCT L . -26.85 -27.45 5.57
H12 OCT L . -28.02 -26.95 6.46
H13 OCT L . -27.45 -26.05 5.34
H21 OCT L . -26.54 -25.28 7.40
H22 OCT L . -26.11 -26.68 7.78
H31 OCT L . -24.31 -26.65 6.44
H32 OCT L . -24.98 -25.75 5.40
H41 OCT L . -24.69 -23.86 6.86
H42 OCT L . -24.02 -24.77 7.89
H51 OCT L . -22.10 -24.94 6.70
H52 OCT L . -22.82 -24.83 5.36
H61 OCT L . -21.75 -22.83 5.52
H62 OCT L . -23.19 -22.45 5.86
H71 OCT L . -22.15 -21.49 7.61
H72 OCT L . -22.48 -22.84 8.24
H81 OCT L . -19.96 -22.10 7.17
H82 OCT L . -20.20 -22.57 8.62
H83 OCT L . -20.24 -23.59 7.45
C1 D10 M . -12.91 24.20 9.77
C2 D10 M . -11.95 24.09 10.93
C3 D10 M . -10.91 23.03 10.63
C4 D10 M . -9.88 23.05 11.72
C5 D10 M . -8.88 21.96 11.41
C6 D10 M . -7.78 22.05 12.42
C7 D10 M . -6.76 21.00 12.04
C8 D10 M . -6.10 20.47 13.29
C9 D10 M . -5.26 19.29 12.87
C10 D10 M . -3.99 19.28 13.69
H11 D10 M . -12.51 24.67 9.03
H12 D10 M . -13.20 23.33 9.45
H13 D10 M . -13.72 24.67 10.02
H21 D10 M . -11.52 24.93 11.14
H22 D10 M . -12.43 23.86 11.75
H31 D10 M . -11.29 22.16 10.56
H32 D10 M . -10.50 23.18 9.77
H41 D10 M . -9.43 23.91 11.81
H42 D10 M . -10.28 22.90 12.59
H51 D10 M . -9.29 21.09 11.42
H52 D10 M . -8.55 22.04 10.51
H61 D10 M . -7.38 22.93 12.44
H62 D10 M . -8.11 21.90 13.31
H71 D10 M . -7.18 20.29 11.54
H72 D10 M . -6.11 21.37 11.43
H81 D10 M . -5.57 21.15 13.70
H82 D10 M . -6.75 20.23 13.95
H91 D10 M . -5.76 18.48 12.99
H92 D10 M . -5.08 19.32 11.93
H101 D10 M . -3.51 18.45 13.56
H102 D10 M . -3.41 20.00 13.43
H103 D10 M . -4.17 19.38 14.62
C1 D10 N . -29.68 -15.34 29.66
C2 D10 N . -29.17 -15.20 28.25
C3 D10 N . -27.65 -15.14 28.24
C4 D10 N . -27.10 -16.53 28.46
C5 D10 N . -25.78 -16.60 27.72
C6 D10 N . -25.08 -17.87 28.14
C7 D10 N . -23.94 -18.10 27.18
C8 D10 N . -23.34 -19.45 27.50
C9 D10 N . -21.93 -19.47 26.96
C10 D10 N . -21.38 -20.87 27.06
H11 D10 N . -29.44 -14.58 30.19
H12 D10 N . -30.64 -15.43 29.69
H13 D10 N . -29.32 -16.13 30.08
H21 D10 N . -29.47 -15.92 27.67
H22 D10 N . -29.52 -14.41 27.82
H31 D10 N . -27.31 -14.77 27.41
H32 D10 N . -27.33 -14.53 28.91
H41 D10 N . -26.97 -16.73 29.40
H42 D10 N . -27.70 -17.21 28.15
H51 D10 N . -25.90 -16.59 26.76
H52 D10 N . -25.23 -15.83 27.89
H61 D10 N . -24.77 -17.82 29.05
H62 D10 N . -25.69 -18.62 28.13
H71 D10 N . -24.25 -18.06 26.26
H72 D10 N . -23.29 -17.40 27.24
H81 D10 N . -23.36 -19.62 28.44
H82 D10 N . -23.87 -20.16 27.12
H91 D10 N . -21.91 -19.14 26.05
H92 D10 N . -21.39 -18.84 27.45
H101 D10 N . -20.52 -20.94 26.63
H102 D10 N . -21.27 -21.14 27.98
H103 D10 N . -21.97 -21.50 26.65
C1 HEX O . 5.77 10.12 28.10
C2 HEX O . 5.95 8.65 28.02
C3 HEX O . 5.46 8.16 26.67
C4 HEX O . 5.61 6.66 26.66
C5 HEX O . 4.85 6.06 25.50
C6 HEX O . 5.24 4.60 25.41
H11 HEX O . 4.99 10.41 27.62
H12 HEX O . 5.73 10.45 29.01
H13 HEX O . 6.51 10.58 27.66
H21 HEX O . 6.88 8.41 28.14
H22 HEX O . 5.48 8.20 28.72
H31 HEX O . 4.56 8.44 26.54
H32 HEX O . 5.93 8.57 25.94
H41 HEX O . 6.54 6.41 26.63
H42 HEX O . 5.31 6.28 27.49
H51 HEX O . 3.91 6.14 25.67
H52 HEX O . 5.00 6.53 24.68
H61 HEX O . 4.97 4.11 26.18
H62 HEX O . 4.86 4.18 24.62
H63 HEX O . 6.19 4.51 25.32
C1 HEX P . -12.81 22.01 14.76
C2 HEX P . -11.67 22.30 15.71
C3 HEX P . -10.79 21.07 15.80
C4 HEX P . -9.60 21.42 16.68
C5 HEX P . -8.56 20.34 16.57
C6 HEX P . -7.28 20.86 17.17
H11 HEX P . -12.67 22.43 13.91
H12 HEX P . -12.95 21.06 14.63
H13 HEX P . -13.64 22.39 15.09
H21 HEX P . -11.15 23.06 15.42
H22 HEX P . -11.99 22.53 16.60
H31 HEX P . -11.29 20.33 16.16
H32 HEX P . -10.50 20.75 14.93
H41 HEX P . -9.26 22.28 16.44
H42 HEX P . -9.89 21.53 17.60
H51 HEX P . -8.86 19.55 17.05
H52 HEX P . -8.45 20.04 15.67
H61 HEX P . -6.67 20.16 17.41
H62 HEX P . -6.83 21.46 16.56
H63 HEX P . -7.46 21.37 17.98
C1 D10 Q . 3.90 22.32 -39.80
C2 D10 Q . 4.00 22.42 -38.29
C3 D10 Q . 4.26 21.04 -37.73
C4 D10 Q . 4.51 21.17 -36.24
C5 D10 Q . 5.96 21.57 -36.04
C6 D10 Q . 6.29 21.43 -34.56
C7 D10 Q . 7.65 22.04 -34.37
C8 D10 Q . 7.92 22.20 -32.89
C9 D10 Q . 9.10 23.13 -32.75
C10 D10 Q . 9.65 23.05 -31.34
H11 D10 Q . 3.14 21.79 -40.07
H12 D10 Q . 3.82 23.19 -40.22
H13 D10 Q . 4.69 21.92 -40.17
H21 D10 Q . 4.69 23.02 -38.02
H22 D10 Q . 3.19 22.78 -37.92
H31 D10 Q . 3.51 20.46 -37.88
H32 D10 Q . 5.00 20.61 -38.17
H41 D10 Q . 3.91 21.82 -35.83
H42 D10 Q . 4.31 20.34 -35.78
H51 D10 Q . 6.55 21.03 -36.57
H52 D10 Q . 6.12 22.47 -36.35
H61 D10 Q . 5.63 21.84 -34.01
H62 D10 Q . 6.29 20.49 -34.30
H71 D10 Q . 8.33 21.49 -34.79
H72 D10 Q . 7.72 22.89 -34.83
H81 D10 Q . 7.14 22.52 -32.44
H82 D10 Q . 8.09 21.34 -32.48
H91 D10 Q . 9.78 22.93 -33.40
H92 D10 Q . 8.83 24.04 -32.96
H101 D10 Q . 8.96 23.15 -30.69
H102 D10 Q . 10.09 22.20 -31.19
H103 D10 Q . 10.32 23.73 -31.19
C1 HEX R . 16.55 -16.03 -20.26
C2 HEX R . 17.27 -14.77 -19.82
C3 HEX R . 16.34 -13.96 -18.96
C4 HEX R . 17.07 -12.67 -18.61
C5 HEX R . 16.11 -11.65 -18.05
C6 HEX R . 16.91 -10.47 -17.55
H11 HEX R . 16.61 -16.15 -21.21
H12 HEX R . 16.90 -16.80 -19.82
H13 HEX R . 15.61 -15.95 -20.05
H21 HEX R . 18.07 -14.99 -19.33
H22 HEX R . 17.56 -14.26 -20.57
H31 HEX R . 15.52 -13.78 -19.45
H32 HEX R . 16.04 -14.42 -18.19
H41 HEX R . 17.78 -12.87 -17.99
H42 HEX R . 17.53 -12.33 -19.37
H51 HEX R . 15.51 -11.36 -18.74
H52 HEX R . 15.53 -12.02 -17.37
H61 HEX R . 17.65 -10.76 -17.00
H62 HEX R . 17.26 -9.94 -18.28
H63 HEX R . 16.36 -9.89 -17.02
C1 OCT S . 12.26 24.31 10.67
C2 OCT S . 11.30 24.71 9.56
C3 OCT S . 10.63 23.48 8.97
C4 OCT S . 9.13 23.67 8.86
C5 OCT S . 8.49 22.51 8.12
C6 OCT S . 7.00 22.74 7.96
C7 OCT S . 6.50 22.27 6.60
C8 OCT S . 5.06 22.69 6.41
H11 OCT S . 12.66 25.07 11.11
H12 OCT S . 11.82 23.79 11.36
H13 OCT S . 12.99 23.76 10.35
H21 OCT S . 10.64 25.33 9.89
H22 OCT S . 11.77 25.20 8.88
H31 OCT S . 11.00 23.30 8.11
H32 OCT S . 10.83 22.70 9.51
H41 OCT S . 8.73 23.77 9.74
H42 OCT S . 8.93 24.50 8.42
H51 OCT S . 8.91 22.39 7.26
H52 OCT S . 8.67 21.69 8.58
H61 OCT S . 6.52 22.30 8.66
H62 OCT S . 6.79 23.68 8.07
H71 OCT S . 7.05 22.63 5.89
H72 OCT S . 6.59 21.31 6.51
H81 OCT S . 4.47 22.25 7.04
H82 OCT S . 4.93 23.64 6.53
H83 OCT S . 4.73 22.47 5.53
C1 OCT T . 6.08 25.06 -17.32
C2 OCT T . 7.05 24.22 -16.52
C3 OCT T . 8.45 24.33 -17.11
C4 OCT T . 9.50 23.87 -16.11
C5 OCT T . 10.84 23.67 -16.82
C6 OCT T . 11.87 23.16 -15.84
C7 OCT T . 13.24 23.09 -16.49
C8 OCT T . 14.28 22.62 -15.49
H11 OCT T . 5.20 25.07 -16.92
H12 OCT T . 6.36 25.97 -17.40
H13 OCT T . 5.97 24.73 -18.22
H21 OCT T . 7.05 24.49 -15.60
H22 OCT T . 6.75 23.30 -16.50
H31 OCT T . 8.50 23.81 -17.92
H32 OCT T . 8.61 25.23 -17.40
H41 OCT T . 9.59 24.52 -15.40
H42 OCT T . 9.22 23.07 -15.68
H51 OCT T . 10.74 23.05 -17.54
H52 OCT T . 11.13 24.48 -17.23
H61 OCT T . 11.90 23.73 -15.05
H62 OCT T . 11.63 22.30 -15.50
H71 OCT T . 13.22 22.51 -17.25
H72 OCT T . 13.49 23.95 -16.85
H81 OCT T . 15.18 22.66 -15.85
H82 OCT T . 14.27 23.15 -14.68
H83 OCT T . 14.13 21.71 -15.23
C1 OCT U . -4.19 34.86 -16.85
C2 OCT U . -2.78 34.62 -17.39
C3 OCT U . -2.45 33.12 -17.37
C4 OCT U . -2.05 32.65 -15.99
C5 OCT U . -1.65 31.18 -16.02
C6 OCT U . -1.47 30.64 -14.61
C7 OCT U . -0.69 29.32 -14.59
C8 OCT U . -1.53 28.21 -15.16
H11 OCT U . -4.49 35.76 -17.00
H12 OCT U . -4.84 34.27 -17.25
H13 OCT U . -4.24 34.71 -15.89
H21 OCT U . -2.71 34.97 -18.28
H22 OCT U . -2.14 35.12 -16.87
H31 OCT U . -3.20 32.62 -17.69
H32 OCT U . -1.74 32.94 -18.00
H41 OCT U . -1.33 33.18 -15.64
H42 OCT U . -2.77 32.79 -15.36
H51 OCT U . -2.33 30.66 -16.48
H52 OCT U . -0.85 31.05 -16.54
H61 OCT U . -1.02 31.30 -14.06
H62 OCT U . -2.32 30.52 -14.18
H71 OCT U . 0.13 29.41 -15.09
H72 OCT U . -0.40 29.10 -13.70
H81 OCT U . -1.74 28.35 -16.10
H82 OCT U . -1.10 27.35 -15.10
H83 OCT U . -2.38 28.13 -14.71
C1 D10 V . 0.50 27.14 3.75
C2 D10 V . 0.81 26.12 2.67
C3 D10 V . 2.23 26.31 2.20
C4 D10 V . 2.58 25.16 1.30
C5 D10 V . 3.66 24.38 1.98
C6 D10 V . 3.90 23.11 1.21
C7 D10 V . 4.83 22.29 2.06
C8 D10 V . 5.37 21.15 1.24
C9 D10 V . 6.81 20.97 1.66
C10 D10 V . 7.39 19.81 0.93
H11 D10 V . 0.83 28.02 3.50
H12 D10 V . -0.45 27.21 3.90
H13 D10 V . 0.90 26.89 4.58
H21 D10 V . 0.70 25.22 3.00
H22 D10 V . 0.20 26.19 1.93
H31 D10 V . 2.34 27.14 1.72
H32 D10 V . 2.85 26.37 2.92
H41 D10 V . 1.83 24.61 1.09
H42 D10 V . 2.88 25.47 0.44
H51 D10 V . 4.47 24.89 2.06
H52 D10 V . 3.42 24.19 2.90
H61 D10 V . 3.08 22.64 1.04
H62 D10 V . 4.26 23.29 0.35
H71 D10 V . 5.54 22.85 2.39
H72 D10 V . 4.38 21.97 2.84
H81 D10 V . 4.85 20.36 1.38
H82 D10 V . 5.29 21.33 0.31
H91 D10 V . 7.32 21.77 1.51
H92 D10 V . 6.85 20.85 2.62
H101 D10 V . 7.19 18.98 1.38
H102 D10 V . 7.05 19.75 0.04
H103 D10 V . 8.35 19.87 0.86
C1 D10 W . 18.99 24.64 -6.39
C2 D10 W . 17.62 24.19 -6.81
C3 D10 W . 16.74 25.40 -7.01
C4 D10 W . 15.39 24.93 -7.51
C5 D10 W . 14.57 26.17 -7.77
C6 D10 W . 13.17 25.75 -8.11
C7 D10 W . 12.38 27.02 -8.30
C8 D10 W . 11.03 26.67 -8.88
C9 D10 W . 10.28 27.96 -9.10
C10 D10 W . 8.85 27.63 -9.48
H11 D10 W . 19.61 23.91 -6.36
H12 D10 W . 19.35 25.32 -6.97
H13 D10 W . 18.96 25.03 -5.50
H21 D10 W . 17.65 23.67 -7.62
H22 D10 W . 17.22 23.60 -6.16
H31 D10 W . 16.62 25.89 -6.19
H32 D10 W . 17.12 26.04 -7.62
H41 D10 W . 15.46 24.40 -8.30
H42 D10 W . 14.96 24.37 -6.86
H51 D10 W . 14.57 26.76 -7.00
H52 D10 W . 14.96 26.71 -8.46
H61 D10 W . 13.15 25.19 -8.91
H62 D10 W . 12.80 25.19 -7.43
H71 D10 W . 12.29 27.48 -7.46
H72 D10 W . 12.86 27.64 -8.87
H81 D10 W . 11.13 26.16 -9.69
H82 D10 W . 10.56 26.07 -8.29
H91 D10 W . 10.32 28.50 -8.30
H92 D10 W . 10.72 28.48 -9.77
H101 D10 W . 8.36 27.27 -8.74
H102 D10 W . 8.39 28.42 -9.80
H103 D10 W . 8.82 26.98 -10.20
C1 HEX X . 11.47 23.32 -10.94
C2 HEX X . 10.06 23.24 -10.43
C3 HEX X . 9.13 22.90 -11.56
C4 HEX X . 7.75 23.37 -11.17
C5 HEX X . 6.73 22.79 -12.10
C6 HEX X . 6.29 21.47 -11.53
H11 HEX X . 11.82 22.45 -11.16
H12 HEX X . 11.54 23.89 -11.71
H13 HEX X . 12.06 23.67 -10.26
H21 HEX X . 9.99 22.56 -9.74
H22 HEX X . 9.78 24.06 -10.01
H31 HEX X . 9.43 23.34 -12.38
H32 HEX X . 9.13 21.97 -11.79
H41 HEX X . 7.58 23.14 -10.24
H42 HEX X . 7.71 24.33 -11.18
H51 HEX X . 5.98 23.39 -12.18
H52 HEX X . 7.07 22.70 -12.99
H61 HEX X . 7.01 20.84 -11.50
H62 HEX X . 5.94 21.58 -10.65
H63 HEX X . 5.58 21.10 -12.06
C1 HEX Y . -0.01 -26.13 -8.80
C2 HEX Y . 0.42 -25.27 -9.97
C3 HEX Y . 1.50 -24.30 -9.52
C4 HEX Y . 2.69 -25.08 -9.02
C5 HEX Y . 3.94 -24.25 -9.13
C6 HEX Y . 5.00 -24.89 -8.26
H11 HEX Y . -0.10 -25.60 -7.99
H12 HEX Y . -0.84 -26.59 -8.96
H13 HEX Y . 0.66 -26.80 -8.59
H21 HEX Y . 0.74 -25.83 -10.69
H22 HEX Y . -0.33 -24.78 -10.35
H31 HEX Y . 1.73 -23.71 -10.26
H32 HEX Y . 1.17 -23.68 -8.86
H41 HEX Y . 2.54 -25.39 -8.12
H42 HEX Y . 2.80 -25.90 -9.53
H51 HEX Y . 4.23 -24.22 -10.05
H52 HEX Y . 3.79 -23.33 -8.90
H61 HEX Y . 4.97 -25.85 -8.32
H62 HEX Y . 5.88 -24.59 -8.50
H63 HEX Y . 4.86 -24.64 -7.34
C1 HEX Z . 15.99 31.07 -10.28
C2 HEX Z . 16.45 29.66 -10.51
C3 HEX Z . 15.27 28.84 -11.01
C4 HEX Z . 15.76 27.97 -12.15
C5 HEX Z . 14.77 26.85 -12.42
C6 HEX Z . 13.56 27.45 -13.10
H11 HEX Z . 16.71 31.62 -9.95
H12 HEX Z . 15.62 31.47 -11.08
H13 HEX Z . 15.31 31.09 -9.58
H21 HEX Z . 17.17 29.62 -11.14
H22 HEX Z . 16.80 29.25 -9.70
H31 HEX Z . 14.91 28.31 -10.29
H32 HEX Z . 14.53 29.39 -11.28
H41 HEX Z . 15.93 28.50 -12.93
H42 HEX Z . 16.63 27.59 -11.94
H51 HEX Z . 15.18 26.19 -12.99
H52 HEX Z . 14.52 26.38 -11.62
H61 HEX Z . 12.92 26.76 -13.36
H62 HEX Z . 13.11 28.09 -12.54
H63 HEX Z . 13.83 27.92 -13.91
#